data_4I4J
#
_entry.id   4I4J
#
_cell.length_a   57.416
_cell.length_b   184.526
_cell.length_c   59.401
_cell.angle_alpha   90.00
_cell.angle_beta   95.60
_cell.angle_gamma   90.00
#
_symmetry.space_group_name_H-M   'P 1 21 1'
#
loop_
_entity.id
_entity.type
_entity.pdbx_description
1 polymer 'ACP-polyene thioesterase'
2 non-polymer 'D(-)-TARTARIC ACID'
3 non-polymer 1,2-ETHANEDIOL
4 non-polymer GLYCEROL
5 water water
#
_entity_poly.entity_id   1
_entity_poly.type   'polypeptide(L)'
_entity_poly.pdbx_seq_one_letter_code
;SNA(MSE)TATNPDYFELRHTVGFEETNLVGNVYYVNYLRWQGRCRELFLKERAPSVLAEVQEDLKLFTLKVDCEFFAEI
TAFDELSIR(MSE)RLSELRQTQLEFTFDYIKLGDDGGETLVARGRQRIAC(MSE)RGPNTATVPTLIPEALAEALAPYS
DRAGSYAGRAA
;
_entity_poly.pdbx_strand_id   A,B,C,D,E,F,G,H
#
# COMPACT_ATOMS: atom_id res chain seq x y z
N PRO A 9 -0.34 -19.25 42.08
CA PRO A 9 0.59 -19.95 41.18
C PRO A 9 2.05 -19.78 41.62
N ASP A 10 2.97 -20.12 40.74
CA ASP A 10 4.40 -19.99 41.02
C ASP A 10 4.85 -18.55 40.86
N TYR A 11 4.00 -17.72 40.26
CA TYR A 11 4.40 -16.38 39.83
C TYR A 11 3.50 -15.27 40.39
N PHE A 12 4.00 -14.04 40.33
CA PHE A 12 3.18 -12.86 40.58
C PHE A 12 2.72 -12.33 39.22
N GLU A 13 1.43 -12.03 39.11
CA GLU A 13 0.84 -11.73 37.81
C GLU A 13 0.52 -10.25 37.58
N LEU A 14 0.90 -9.76 36.41
CA LEU A 14 0.50 -8.42 35.97
C LEU A 14 -0.18 -8.51 34.61
N ARG A 15 -1.49 -8.38 34.60
CA ARG A 15 -2.25 -8.39 33.35
C ARG A 15 -2.10 -7.05 32.63
N HIS A 16 -1.84 -7.12 31.33
CA HIS A 16 -1.63 -5.92 30.54
C HIS A 16 -2.04 -6.10 29.08
N THR A 17 -3.00 -5.29 28.64
CA THR A 17 -3.39 -5.26 27.24
C THR A 17 -2.47 -4.30 26.49
N VAL A 18 -1.86 -4.78 25.43
CA VAL A 18 -0.92 -3.97 24.65
C VAL A 18 -1.58 -2.72 24.10
N GLY A 19 -1.06 -1.57 24.49
CA GLY A 19 -1.61 -0.29 24.06
C GLY A 19 -1.42 -0.02 22.59
N PHE A 20 -2.35 0.74 22.01
CA PHE A 20 -2.30 1.13 20.62
C PHE A 20 -1.07 2.01 20.36
N GLU A 21 -0.68 2.79 21.36
CA GLU A 21 0.45 3.70 21.23
C GLU A 21 1.74 3.07 21.70
N GLU A 22 1.70 1.79 22.05
CA GLU A 22 2.88 1.07 22.50
C GLU A 22 3.50 0.25 21.37
N THR A 23 3.09 0.52 20.15
CA THR A 23 3.61 -0.20 18.98
C THR A 23 4.46 0.72 18.11
N ASN A 24 5.32 0.13 17.28
CA ASN A 24 6.13 0.91 16.34
C ASN A 24 5.50 1.02 14.95
N LEU A 25 6.27 1.46 13.95
CA LEU A 25 5.75 1.63 12.59
C LEU A 25 5.26 0.31 12.00
N VAL A 26 6.05 -0.75 12.20
CA VAL A 26 5.71 -2.05 11.61
C VAL A 26 4.82 -2.91 12.52
N GLY A 27 4.11 -2.26 13.43
CA GLY A 27 3.13 -2.93 14.27
C GLY A 27 3.71 -3.66 15.47
N ASN A 28 5.03 -3.74 15.54
CA ASN A 28 5.68 -4.41 16.66
C ASN A 28 5.82 -3.51 17.88
N VAL A 29 6.11 -4.10 19.04
CA VAL A 29 6.22 -3.34 20.28
C VAL A 29 7.66 -2.88 20.51
N TYR A 30 7.81 -1.60 20.88
CA TYR A 30 9.10 -1.05 21.26
C TYR A 30 9.67 -1.87 22.41
N TYR A 31 10.90 -2.32 22.27
CA TYR A 31 11.54 -3.19 23.26
C TYR A 31 11.66 -2.53 24.63
N VAL A 32 11.63 -1.21 24.66
CA VAL A 32 11.69 -0.46 25.91
C VAL A 32 10.43 -0.67 26.75
N ASN A 33 9.30 -0.76 26.06
CA ASN A 33 8.01 -0.97 26.72
C ASN A 33 7.97 -2.24 27.59
N TYR A 34 8.65 -3.29 27.13
CA TYR A 34 8.75 -4.53 27.89
C TYR A 34 9.38 -4.27 29.25
N LEU A 35 10.39 -3.42 29.27
CA LEU A 35 11.12 -3.10 30.49
C LEU A 35 10.32 -2.17 31.39
N ARG A 36 9.47 -1.35 30.78
CA ARG A 36 8.55 -0.51 31.52
C ARG A 36 7.55 -1.41 32.23
N TRP A 37 7.18 -2.50 31.56
CA TRP A 37 6.24 -3.47 32.10
C TRP A 37 6.85 -4.24 33.27
N GLN A 38 8.17 -4.37 33.26
CA GLN A 38 8.86 -5.02 34.38
C GLN A 38 8.76 -4.18 35.64
N GLY A 39 9.00 -2.89 35.51
CA GLY A 39 8.91 -1.97 36.62
C GLY A 39 7.48 -1.86 37.12
N ARG A 40 6.51 -1.97 36.22
N ARG A 40 6.53 -1.95 36.21
CA ARG A 40 5.11 -1.88 36.58
CA ARG A 40 5.11 -1.89 36.55
C ARG A 40 4.68 -3.12 37.36
C ARG A 40 4.69 -3.11 37.37
N CYS A 41 5.37 -4.23 37.12
CA CYS A 41 5.07 -5.48 37.82
C CYS A 41 5.83 -5.54 39.14
N ARG A 42 7.04 -5.00 39.16
CA ARG A 42 7.88 -5.01 40.35
C ARG A 42 7.32 -4.06 41.41
N GLU A 43 6.77 -2.94 40.97
N GLU A 43 6.77 -2.94 40.96
CA GLU A 43 6.22 -1.95 41.88
CA GLU A 43 6.23 -1.94 41.88
C GLU A 43 4.86 -2.37 42.41
C GLU A 43 4.86 -2.37 42.41
N LEU A 44 4.11 -3.08 41.58
CA LEU A 44 2.79 -3.57 41.97
C LEU A 44 2.91 -4.66 43.02
N PHE A 45 3.98 -5.44 42.93
CA PHE A 45 4.27 -6.47 43.91
C PHE A 45 4.53 -5.86 45.29
N LEU A 46 5.25 -4.76 45.30
CA LEU A 46 5.61 -4.09 46.54
C LEU A 46 4.42 -3.37 47.17
N LYS A 47 3.38 -3.13 46.37
CA LYS A 47 2.20 -2.43 46.87
C LYS A 47 1.20 -3.40 47.50
N GLU A 48 1.27 -4.66 47.08
CA GLU A 48 0.29 -5.65 47.53
C GLU A 48 0.88 -6.73 48.42
N ARG A 49 2.20 -6.89 48.38
CA ARG A 49 2.85 -7.95 49.13
C ARG A 49 3.79 -7.42 50.21
N ALA A 50 4.52 -6.35 49.91
CA ALA A 50 5.45 -5.77 50.87
C ALA A 50 5.40 -4.24 50.89
N PRO A 51 4.31 -3.67 51.43
CA PRO A 51 4.19 -2.21 51.53
C PRO A 51 5.21 -1.64 52.51
N SER A 52 5.74 -2.50 53.37
CA SER A 52 6.76 -2.10 54.34
C SER A 52 8.02 -1.62 53.64
N VAL A 53 8.35 -2.29 52.54
CA VAL A 53 9.51 -1.91 51.74
C VAL A 53 9.32 -0.51 51.14
N LEU A 54 8.15 -0.30 50.53
CA LEU A 54 7.81 0.97 49.88
C LEU A 54 8.12 2.21 50.72
N ALA A 55 7.78 2.16 52.01
CA ALA A 55 8.01 3.29 52.91
C ALA A 55 9.50 3.47 53.20
N GLU A 56 10.22 2.36 53.30
CA GLU A 56 11.65 2.38 53.57
C GLU A 56 12.47 2.96 52.40
N VAL A 57 12.00 2.76 51.17
CA VAL A 57 12.71 3.31 50.01
C VAL A 57 12.65 4.84 50.00
N GLN A 58 11.60 5.37 50.62
CA GLN A 58 11.44 6.82 50.74
C GLN A 58 12.38 7.38 51.81
N GLU A 59 13.05 6.48 52.52
CA GLU A 59 13.93 6.88 53.61
C GLU A 59 15.40 6.76 53.24
N ASP A 60 16.04 5.68 53.68
CA ASP A 60 17.45 5.47 53.42
C ASP A 60 17.73 4.11 52.77
N LEU A 61 16.67 3.37 52.47
CA LEU A 61 16.81 2.10 51.76
C LEU A 61 16.82 2.34 50.26
N LYS A 62 17.84 1.82 49.59
CA LYS A 62 17.99 2.04 48.16
C LYS A 62 18.14 0.72 47.41
N LEU A 63 17.18 0.41 46.55
CA LEU A 63 17.21 -0.82 45.77
C LEU A 63 17.95 -0.63 44.46
N PHE A 64 19.27 -0.74 44.51
CA PHE A 64 20.13 -0.54 43.35
C PHE A 64 19.88 -1.63 42.31
N THR A 65 19.67 -1.21 41.07
CA THR A 65 19.52 -2.14 39.96
C THR A 65 20.88 -2.42 39.34
N LEU A 66 21.39 -3.63 39.53
CA LEU A 66 22.69 -4.02 39.01
C LEU A 66 22.62 -4.36 37.52
N LYS A 67 21.66 -5.19 37.15
CA LYS A 67 21.52 -5.63 35.77
C LYS A 67 20.08 -5.94 35.40
N VAL A 68 19.70 -5.57 34.18
CA VAL A 68 18.39 -5.90 33.64
C VAL A 68 18.55 -6.31 32.17
N ASP A 69 17.84 -7.35 31.75
CA ASP A 69 17.90 -7.79 30.37
C ASP A 69 16.57 -8.41 29.91
N CYS A 70 16.49 -8.72 28.63
CA CYS A 70 15.29 -9.30 28.05
C CYS A 70 15.57 -9.92 26.69
N GLU A 71 15.04 -11.12 26.47
CA GLU A 71 15.16 -11.78 25.17
C GLU A 71 13.78 -11.87 24.53
N PHE A 72 13.71 -11.61 23.23
CA PHE A 72 12.43 -11.57 22.53
C PHE A 72 12.26 -12.75 21.59
N PHE A 73 11.22 -13.55 21.84
CA PHE A 73 11.00 -14.79 21.11
C PHE A 73 10.00 -14.61 19.97
N ALA A 74 8.96 -13.81 20.21
CA ALA A 74 7.92 -13.61 19.21
C ALA A 74 7.46 -12.15 19.18
N GLU A 75 7.05 -11.70 17.99
CA GLU A 75 6.58 -10.33 17.82
C GLU A 75 5.10 -10.21 18.19
N ILE A 76 4.78 -9.24 19.04
CA ILE A 76 3.39 -8.99 19.43
C ILE A 76 2.92 -7.65 18.91
N THR A 77 1.60 -7.45 18.91
CA THR A 77 1.01 -6.22 18.40
C THR A 77 -0.03 -5.64 19.35
N ALA A 78 -0.72 -4.60 18.90
CA ALA A 78 -1.72 -3.91 19.71
C ALA A 78 -2.88 -4.82 20.11
N PHE A 79 -3.48 -4.51 21.26
CA PHE A 79 -4.67 -5.21 21.77
C PHE A 79 -4.46 -6.69 22.08
N ASP A 80 -3.20 -7.14 22.05
CA ASP A 80 -2.87 -8.50 22.46
C ASP A 80 -2.82 -8.60 23.98
N GLU A 81 -3.51 -9.59 24.53
CA GLU A 81 -3.56 -9.76 25.98
C GLU A 81 -2.30 -10.45 26.50
N LEU A 82 -1.65 -9.82 27.46
CA LEU A 82 -0.39 -10.32 28.00
C LEU A 82 -0.47 -10.61 29.50
N SER A 83 0.23 -11.65 29.92
CA SER A 83 0.34 -11.98 31.34
C SER A 83 1.81 -11.97 31.75
N ILE A 84 2.25 -10.84 32.30
CA ILE A 84 3.63 -10.69 32.71
C ILE A 84 3.84 -11.31 34.08
N ARG A 85 4.50 -12.47 34.09
CA ARG A 85 4.65 -13.25 35.32
C ARG A 85 6.04 -13.14 35.91
N ARG A 87 8.91 -14.14 38.74
CA ARG A 87 9.36 -15.23 39.61
C ARG A 87 10.73 -14.93 40.23
N LEU A 88 10.88 -15.27 41.50
CA LEU A 88 12.14 -15.11 42.21
C LEU A 88 13.16 -16.14 41.71
N SER A 89 14.20 -15.66 41.02
CA SER A 89 15.24 -16.52 40.48
C SER A 89 16.29 -16.86 41.53
N GLU A 90 16.97 -15.84 42.01
CA GLU A 90 18.02 -16.01 43.00
C GLU A 90 17.76 -15.19 44.26
N LEU A 91 18.04 -15.78 45.42
CA LEU A 91 17.92 -15.08 46.69
C LEU A 91 19.23 -15.18 47.47
N ARG A 92 19.97 -14.07 47.52
CA ARG A 92 21.27 -14.05 48.18
C ARG A 92 21.23 -13.28 49.49
N GLN A 93 22.41 -12.96 50.03
CA GLN A 93 22.50 -12.22 51.27
C GLN A 93 21.94 -10.81 51.14
N THR A 94 22.56 -10.01 50.27
CA THR A 94 22.17 -8.62 50.11
C THR A 94 21.63 -8.35 48.71
N GLN A 95 21.48 -9.41 47.92
CA GLN A 95 20.98 -9.26 46.55
C GLN A 95 19.90 -10.29 46.21
N LEU A 96 19.14 -9.99 45.17
CA LEU A 96 18.11 -10.91 44.68
C LEU A 96 17.88 -10.69 43.19
N GLU A 97 17.39 -11.73 42.51
CA GLU A 97 17.19 -11.67 41.08
C GLU A 97 15.78 -12.14 40.70
N PHE A 98 15.07 -11.31 39.94
CA PHE A 98 13.73 -11.64 39.48
C PHE A 98 13.77 -12.26 38.09
N THR A 99 12.65 -12.82 37.66
CA THR A 99 12.52 -13.37 36.32
C THR A 99 11.12 -13.11 35.78
N PHE A 100 11.04 -12.52 34.59
CA PHE A 100 9.76 -12.13 34.03
C PHE A 100 9.39 -12.94 32.79
N ASP A 101 8.31 -13.71 32.91
CA ASP A 101 7.79 -14.48 31.78
C ASP A 101 6.69 -13.72 31.06
N TYR A 102 7.04 -13.13 29.91
CA TYR A 102 6.05 -12.45 29.08
C TYR A 102 5.29 -13.49 28.28
N ILE A 103 4.05 -13.76 28.67
CA ILE A 103 3.24 -14.73 27.94
C ILE A 103 2.05 -14.06 27.24
N LYS A 104 1.72 -14.56 26.06
CA LYS A 104 0.59 -14.03 25.30
C LYS A 104 -0.63 -14.92 25.49
N LEU A 105 -1.73 -14.30 25.94
CA LEU A 105 -2.98 -15.02 26.17
C LEU A 105 -3.80 -15.12 24.89
N GLY A 106 -3.66 -16.23 24.18
CA GLY A 106 -4.42 -16.46 22.97
C GLY A 106 -5.90 -16.60 23.26
N ASP A 107 -6.73 -16.23 22.29
CA ASP A 107 -8.18 -16.29 22.46
C ASP A 107 -8.68 -17.71 22.69
N ASP A 108 -8.03 -18.68 22.06
CA ASP A 108 -8.40 -20.08 22.22
C ASP A 108 -8.12 -20.56 23.64
N GLY A 109 -7.06 -20.02 24.24
CA GLY A 109 -6.68 -20.40 25.59
C GLY A 109 -5.22 -20.75 25.70
N GLY A 110 -4.50 -20.65 24.58
CA GLY A 110 -3.09 -20.98 24.54
C GLY A 110 -2.24 -20.00 25.31
N GLU A 111 -1.11 -20.47 25.82
CA GLU A 111 -0.18 -19.64 26.58
C GLU A 111 1.23 -19.74 26.02
N THR A 112 1.52 -18.93 25.01
CA THR A 112 2.84 -18.91 24.39
C THR A 112 3.75 -17.91 25.09
N LEU A 113 5.04 -18.19 25.13
CA LEU A 113 6.01 -17.30 25.75
C LEU A 113 6.66 -16.41 24.70
N VAL A 114 6.33 -15.13 24.70
CA VAL A 114 6.82 -14.21 23.69
C VAL A 114 8.15 -13.57 24.04
N ALA A 115 8.44 -13.48 25.34
CA ALA A 115 9.67 -12.87 25.81
C ALA A 115 9.99 -13.28 27.24
N ARG A 116 11.26 -13.19 27.61
CA ARG A 116 11.69 -13.45 28.98
C ARG A 116 12.76 -12.46 29.40
N GLY A 117 12.69 -12.01 30.65
CA GLY A 117 13.67 -11.07 31.18
C GLY A 117 13.91 -11.26 32.67
N ARG A 118 15.10 -10.87 33.12
CA ARG A 118 15.44 -10.95 34.53
C ARG A 118 16.05 -9.64 35.02
N GLN A 119 15.97 -9.41 36.32
CA GLN A 119 16.45 -8.16 36.91
C GLN A 119 17.22 -8.40 38.20
N ARG A 120 18.48 -7.99 38.21
CA ARG A 120 19.35 -8.14 39.38
C ARG A 120 19.29 -6.89 40.26
N ILE A 121 18.91 -7.07 41.52
CA ILE A 121 18.74 -5.96 42.44
C ILE A 121 19.58 -6.12 43.70
N ALA A 122 20.26 -5.05 44.11
CA ALA A 122 21.03 -5.06 45.34
C ALA A 122 20.45 -4.07 46.36
N CYS A 123 20.52 -4.43 47.63
CA CYS A 123 20.00 -3.58 48.70
C CYS A 123 21.13 -2.84 49.41
N ARG A 125 22.35 0.80 52.01
CA ARG A 125 21.95 1.55 53.19
C ARG A 125 22.70 2.87 53.33
N GLY A 126 22.01 3.90 53.82
CA GLY A 126 22.64 5.18 54.08
C GLY A 126 22.42 6.22 53.00
N PRO A 127 23.08 7.39 53.13
CA PRO A 127 22.99 8.48 52.15
C PRO A 127 23.50 8.05 50.77
N ASN A 128 23.04 8.73 49.73
CA ASN A 128 23.38 8.36 48.36
C ASN A 128 24.90 8.43 48.07
N THR A 129 25.59 9.34 48.72
CA THR A 129 27.03 9.47 48.53
C THR A 129 27.82 8.37 49.22
N ALA A 130 27.68 8.29 50.54
CA ALA A 130 28.33 7.24 51.33
C ALA A 130 27.35 6.10 51.59
N THR A 131 27.45 5.03 50.81
CA THR A 131 26.51 3.92 50.91
C THR A 131 27.15 2.67 51.50
N VAL A 132 26.31 1.75 51.97
CA VAL A 132 26.76 0.50 52.59
C VAL A 132 25.75 -0.61 52.30
N PRO A 133 26.24 -1.86 52.14
CA PRO A 133 25.35 -2.99 51.88
C PRO A 133 24.46 -3.31 53.08
N THR A 134 23.28 -3.88 52.83
CA THR A 134 22.39 -4.28 53.90
C THR A 134 21.59 -5.53 53.52
N LEU A 135 21.12 -6.24 54.53
CA LEU A 135 20.34 -7.46 54.31
C LEU A 135 19.02 -7.13 53.61
N ILE A 136 18.51 -8.09 52.86
CA ILE A 136 17.19 -7.96 52.26
C ILE A 136 16.14 -7.92 53.36
N PRO A 137 15.35 -6.84 53.41
CA PRO A 137 14.33 -6.60 54.43
C PRO A 137 13.43 -7.83 54.64
N GLU A 138 13.13 -8.12 55.90
CA GLU A 138 12.38 -9.33 56.28
C GLU A 138 11.04 -9.45 55.56
N ALA A 139 10.31 -8.35 55.48
CA ALA A 139 9.00 -8.34 54.83
C ALA A 139 9.10 -8.70 53.36
N LEU A 140 10.17 -8.25 52.70
CA LEU A 140 10.39 -8.54 51.29
C LEU A 140 10.79 -10.00 51.09
N ALA A 141 11.59 -10.52 52.01
CA ALA A 141 12.05 -11.90 51.93
C ALA A 141 10.91 -12.89 52.16
N GLU A 142 9.98 -12.52 53.04
CA GLU A 142 8.84 -13.36 53.34
C GLU A 142 7.81 -13.34 52.22
N ALA A 143 7.65 -12.20 51.58
CA ALA A 143 6.68 -12.03 50.51
C ALA A 143 7.10 -12.75 49.24
N LEU A 144 8.38 -13.09 49.15
CA LEU A 144 8.92 -13.77 47.97
C LEU A 144 8.97 -15.28 48.16
N ALA A 145 8.27 -15.78 49.17
CA ALA A 145 8.28 -17.20 49.48
C ALA A 145 7.62 -18.10 48.41
N PRO A 146 6.36 -17.79 48.03
CA PRO A 146 5.74 -18.71 47.07
C PRO A 146 6.07 -18.36 45.62
N TYR A 147 6.96 -17.39 45.40
CA TYR A 147 7.25 -16.92 44.06
C TYR A 147 8.65 -17.30 43.58
N SER A 148 9.27 -18.26 44.25
CA SER A 148 10.61 -18.70 43.86
C SER A 148 10.53 -19.73 42.74
N PRO B 9 36.53 7.86 18.01
CA PRO B 9 37.31 7.03 17.08
C PRO B 9 36.90 5.57 17.17
N ASP B 10 36.96 5.03 18.39
CA ASP B 10 36.60 3.64 18.68
C ASP B 10 35.08 3.48 18.76
N TYR B 11 34.38 4.61 18.89
CA TYR B 11 32.93 4.60 19.13
C TYR B 11 32.17 5.67 18.35
N PHE B 12 30.87 5.50 18.24
CA PHE B 12 29.96 6.57 17.83
C PHE B 12 29.34 7.15 19.10
N GLU B 13 29.29 8.47 19.19
CA GLU B 13 28.91 9.12 20.45
C GLU B 13 27.55 9.82 20.40
N LEU B 14 26.80 9.70 21.50
CA LEU B 14 25.58 10.46 21.69
C LEU B 14 25.71 11.31 22.95
N ARG B 15 25.71 12.63 22.77
CA ARG B 15 25.81 13.55 23.90
C ARG B 15 24.46 13.69 24.60
N HIS B 16 24.46 13.57 25.92
CA HIS B 16 23.22 13.67 26.69
C HIS B 16 23.45 14.16 28.11
N THR B 17 22.71 15.19 28.49
CA THR B 17 22.71 15.68 29.86
C THR B 17 21.50 15.11 30.58
N VAL B 18 21.73 14.50 31.75
CA VAL B 18 20.65 13.86 32.49
C VAL B 18 19.55 14.85 32.85
N GLY B 19 18.34 14.57 32.36
CA GLY B 19 17.22 15.49 32.51
C GLY B 19 16.71 15.64 33.93
N PHE B 20 16.10 16.78 34.19
CA PHE B 20 15.49 17.06 35.48
C PHE B 20 14.29 16.15 35.71
N GLU B 21 13.64 15.77 34.62
CA GLU B 21 12.47 14.91 34.68
C GLU B 21 12.87 13.44 34.57
N GLU B 22 14.12 13.20 34.20
CA GLU B 22 14.64 11.84 34.07
C GLU B 22 15.15 11.30 35.41
N THR B 23 15.10 12.14 36.43
CA THR B 23 15.58 11.77 37.75
C THR B 23 14.39 11.61 38.70
N ASN B 24 14.37 10.54 39.48
CA ASN B 24 13.24 10.25 40.35
C ASN B 24 13.26 10.99 41.70
N LEU B 25 12.46 10.48 42.64
CA LEU B 25 12.22 11.16 43.92
C LEU B 25 13.45 11.22 44.83
N VAL B 26 14.34 10.24 44.70
CA VAL B 26 15.49 10.16 45.59
C VAL B 26 16.80 10.56 44.93
N GLY B 27 16.73 10.96 43.67
CA GLY B 27 17.92 11.40 42.95
C GLY B 27 18.49 10.35 42.01
N ASN B 28 17.84 9.19 41.95
CA ASN B 28 18.28 8.13 41.06
C ASN B 28 17.68 8.24 39.68
N VAL B 29 18.27 7.55 38.72
CA VAL B 29 17.76 7.53 37.35
C VAL B 29 17.17 6.17 37.02
N TYR B 30 15.91 6.18 36.58
CA TYR B 30 15.21 4.97 36.17
C TYR B 30 16.02 4.26 35.08
N TYR B 31 16.21 2.96 35.23
CA TYR B 31 17.03 2.19 34.29
C TYR B 31 16.45 2.19 32.88
N VAL B 32 15.13 2.37 32.79
CA VAL B 32 14.45 2.45 31.50
C VAL B 32 14.99 3.61 30.66
N ASN B 33 15.31 4.71 31.34
CA ASN B 33 15.89 5.88 30.67
C ASN B 33 17.23 5.58 29.99
N TYR B 34 18.03 4.71 30.60
CA TYR B 34 19.29 4.29 30.01
C TYR B 34 19.04 3.64 28.65
N LEU B 35 17.98 2.86 28.57
CA LEU B 35 17.64 2.13 27.35
C LEU B 35 16.95 3.04 26.33
N ARG B 36 16.32 4.11 26.80
CA ARG B 36 15.76 5.10 25.91
C ARG B 36 16.87 5.84 25.18
N TRP B 37 17.91 6.21 25.94
CA TRP B 37 19.08 6.88 25.39
C TRP B 37 19.82 5.94 24.46
N GLN B 38 19.82 4.66 24.82
CA GLN B 38 20.46 3.62 24.02
C GLN B 38 19.78 3.49 22.67
N GLY B 39 18.47 3.73 22.67
CA GLY B 39 17.69 3.69 21.45
C GLY B 39 17.94 4.89 20.56
N ARG B 40 18.12 6.06 21.18
CA ARG B 40 18.40 7.29 20.44
C ARG B 40 19.74 7.19 19.72
N CYS B 41 20.73 6.67 20.42
CA CYS B 41 22.08 6.53 19.86
C CYS B 41 22.08 5.55 18.69
N ARG B 42 21.15 4.60 18.71
CA ARG B 42 21.04 3.61 17.65
C ARG B 42 20.45 4.22 16.38
N GLU B 43 19.61 5.24 16.54
CA GLU B 43 18.99 5.90 15.39
C GLU B 43 19.80 7.10 14.90
N LEU B 44 20.56 7.73 15.79
CA LEU B 44 21.39 8.86 15.41
C LEU B 44 22.53 8.41 14.52
N PHE B 45 23.08 7.23 14.83
CA PHE B 45 24.12 6.64 14.01
C PHE B 45 23.61 6.33 12.61
N LEU B 46 22.39 5.80 12.54
CA LEU B 46 21.77 5.47 11.27
C LEU B 46 21.49 6.72 10.45
N LYS B 47 20.75 7.66 11.02
CA LYS B 47 20.34 8.87 10.31
C LYS B 47 21.53 9.72 9.84
N GLU B 48 22.67 9.55 10.51
CA GLU B 48 23.89 10.27 10.12
C GLU B 48 24.79 9.44 9.20
N ARG B 49 25.29 8.32 9.71
CA ARG B 49 26.28 7.52 8.99
C ARG B 49 25.68 6.71 7.84
N ALA B 50 24.57 6.03 8.09
CA ALA B 50 23.95 5.19 7.06
C ALA B 50 22.47 5.51 6.84
N PRO B 51 22.17 6.68 6.25
CA PRO B 51 20.78 7.14 6.08
C PRO B 51 20.00 6.27 5.10
N SER B 52 20.72 5.56 4.24
CA SER B 52 20.10 4.69 3.25
C SER B 52 19.31 3.55 3.89
N VAL B 53 19.78 3.09 5.05
CA VAL B 53 19.14 2.00 5.77
C VAL B 53 17.72 2.36 6.20
N LEU B 54 17.54 3.62 6.60
CA LEU B 54 16.24 4.09 7.08
C LEU B 54 15.16 4.03 6.00
N ALA B 55 15.57 4.23 4.75
CA ALA B 55 14.64 4.15 3.63
C ALA B 55 14.21 2.71 3.37
N GLU B 56 15.04 1.77 3.80
CA GLU B 56 14.76 0.35 3.61
C GLU B 56 13.84 -0.19 4.69
N VAL B 57 13.85 0.45 5.85
CA VAL B 57 13.01 0.06 6.97
C VAL B 57 11.54 0.24 6.63
N GLN B 58 11.23 1.32 5.91
CA GLN B 58 9.87 1.62 5.50
C GLN B 58 9.40 0.68 4.40
N GLU B 59 10.32 -0.11 3.86
CA GLU B 59 9.99 -1.07 2.81
C GLU B 59 9.92 -2.49 3.33
N ASP B 60 10.91 -3.30 2.96
CA ASP B 60 10.93 -4.72 3.31
C ASP B 60 11.84 -5.03 4.50
N LEU B 61 12.92 -4.26 4.63
CA LEU B 61 13.90 -4.50 5.68
C LEU B 61 13.32 -4.29 7.08
N LYS B 62 13.58 -5.25 7.97
CA LYS B 62 13.11 -5.18 9.34
C LYS B 62 14.28 -5.35 10.29
N LEU B 63 14.31 -4.56 11.36
CA LEU B 63 15.37 -4.66 12.37
C LEU B 63 14.84 -5.26 13.66
N PHE B 64 15.15 -6.53 13.88
CA PHE B 64 14.69 -7.23 15.08
C PHE B 64 15.70 -7.20 16.21
N THR B 65 15.30 -6.62 17.33
CA THR B 65 16.11 -6.65 18.54
C THR B 65 15.94 -8.00 19.23
N LEU B 66 16.97 -8.83 19.18
CA LEU B 66 16.91 -10.17 19.75
C LEU B 66 17.02 -10.14 21.27
N LYS B 67 18.00 -9.39 21.76
CA LYS B 67 18.20 -9.28 23.21
C LYS B 67 18.85 -7.96 23.60
N VAL B 68 18.36 -7.37 24.68
CA VAL B 68 18.95 -6.16 25.24
C VAL B 68 19.36 -6.41 26.68
N ASP B 69 20.40 -5.73 27.13
CA ASP B 69 20.83 -5.82 28.52
C ASP B 69 21.56 -4.54 28.94
N CYS B 70 21.69 -4.34 30.24
CA CYS B 70 22.42 -3.19 30.76
C CYS B 70 22.86 -3.42 32.20
N GLU B 71 24.15 -3.23 32.45
CA GLU B 71 24.67 -3.33 33.80
C GLU B 71 25.00 -1.95 34.35
N PHE B 72 24.86 -1.77 35.65
CA PHE B 72 25.05 -0.46 36.27
C PHE B 72 26.11 -0.53 37.37
N PHE B 73 27.10 0.36 37.27
CA PHE B 73 28.23 0.35 38.18
C PHE B 73 28.13 1.46 39.23
N ALA B 74 27.37 2.50 38.91
CA ALA B 74 27.18 3.62 39.83
C ALA B 74 25.87 4.35 39.54
N GLU B 75 25.40 5.13 40.52
CA GLU B 75 24.20 5.92 40.35
C GLU B 75 24.52 7.33 39.88
N ILE B 76 23.59 7.92 39.14
CA ILE B 76 23.74 9.29 38.67
C ILE B 76 22.53 10.14 39.04
N THR B 77 22.67 11.45 38.93
CA THR B 77 21.59 12.38 39.24
C THR B 77 21.39 13.32 38.05
N ALA B 78 20.43 14.23 38.16
CA ALA B 78 20.14 15.17 37.09
C ALA B 78 21.34 16.07 36.79
N PHE B 79 21.38 16.57 35.56
CA PHE B 79 22.40 17.52 35.11
C PHE B 79 23.81 16.91 35.05
N ASP B 80 23.89 15.60 35.11
CA ASP B 80 25.15 14.90 34.88
C ASP B 80 25.41 14.79 33.39
N GLU B 81 26.65 15.06 32.98
CA GLU B 81 27.00 14.97 31.56
C GLU B 81 27.42 13.56 31.18
N LEU B 82 26.69 12.97 30.24
CA LEU B 82 26.97 11.60 29.81
C LEU B 82 27.52 11.53 28.40
N SER B 83 28.43 10.59 28.20
CA SER B 83 28.96 10.31 26.87
C SER B 83 28.61 8.87 26.50
N ILE B 84 27.51 8.70 25.79
CA ILE B 84 27.05 7.37 25.39
C ILE B 84 27.81 6.87 24.17
N ARG B 85 28.82 6.05 24.43
CA ARG B 85 29.72 5.57 23.38
C ARG B 85 29.21 4.26 22.79
N ARG B 87 29.90 1.24 20.13
CA ARG B 87 30.86 0.56 19.28
C ARG B 87 30.37 -0.84 18.92
N LEU B 88 30.87 -1.36 17.82
CA LEU B 88 30.47 -2.68 17.34
C LEU B 88 31.34 -3.77 17.97
N SER B 89 30.72 -4.59 18.81
CA SER B 89 31.45 -5.65 19.50
C SER B 89 31.43 -6.96 18.72
N GLU B 90 30.36 -7.18 17.96
CA GLU B 90 30.18 -8.44 17.24
C GLU B 90 29.65 -8.21 15.84
N LEU B 91 30.30 -8.83 14.86
CA LEU B 91 29.91 -8.67 13.46
C LEU B 91 29.75 -10.02 12.76
N ARG B 92 28.52 -10.30 12.32
CA ARG B 92 28.23 -11.51 11.55
C ARG B 92 27.68 -11.13 10.17
N GLN B 93 27.28 -12.11 9.38
CA GLN B 93 26.76 -11.83 8.04
C GLN B 93 25.31 -11.35 8.07
N THR B 94 24.55 -11.81 9.07
CA THR B 94 23.13 -11.46 9.16
C THR B 94 22.80 -10.72 10.46
N GLN B 95 23.69 -10.83 11.43
CA GLN B 95 23.46 -10.21 12.74
C GLN B 95 24.62 -9.34 13.21
N LEU B 96 24.37 -8.51 14.22
CA LEU B 96 25.39 -7.66 14.82
C LEU B 96 25.03 -7.29 16.26
N GLU B 97 26.04 -7.06 17.09
CA GLU B 97 25.83 -6.66 18.48
C GLU B 97 26.49 -5.33 18.78
N PHE B 98 25.70 -4.40 19.31
CA PHE B 98 26.21 -3.08 19.68
C PHE B 98 26.48 -3.00 21.17
N THR B 99 27.65 -2.48 21.54
CA THR B 99 27.96 -2.23 22.94
C THR B 99 27.82 -0.73 23.23
N PHE B 100 27.29 -0.40 24.40
CA PHE B 100 27.07 0.99 24.77
C PHE B 100 27.78 1.34 26.07
N ASP B 101 28.80 2.17 25.97
CA ASP B 101 29.49 2.67 27.16
C ASP B 101 28.85 3.96 27.65
N TYR B 102 28.42 3.96 28.91
CA TYR B 102 27.85 5.15 29.52
C TYR B 102 28.92 5.87 30.33
N ILE B 103 29.59 6.82 29.70
CA ILE B 103 30.68 7.53 30.35
C ILE B 103 30.21 8.83 30.99
N LYS B 104 30.37 8.94 32.30
CA LYS B 104 30.03 10.16 33.02
C LYS B 104 31.17 11.16 32.91
N LEU B 105 30.96 12.21 32.13
CA LEU B 105 31.99 13.20 31.88
C LEU B 105 32.16 14.18 33.04
N GLY B 106 33.36 14.18 33.63
CA GLY B 106 33.66 15.10 34.71
C GLY B 106 34.03 16.46 34.17
N ASP B 107 33.85 17.48 35.00
CA ASP B 107 34.16 18.86 34.61
C ASP B 107 35.67 19.08 34.58
N ASP B 108 36.41 18.21 35.25
CA ASP B 108 37.87 18.31 35.29
C ASP B 108 38.53 17.51 34.18
N GLY B 109 37.79 16.58 33.59
CA GLY B 109 38.31 15.76 32.50
C GLY B 109 38.28 14.28 32.80
N GLY B 110 37.81 13.92 33.98
CA GLY B 110 37.71 12.52 34.37
C GLY B 110 36.63 11.79 33.59
N GLU B 111 36.80 10.48 33.43
CA GLU B 111 35.81 9.65 32.75
C GLU B 111 35.49 8.39 33.55
N THR B 112 34.31 8.39 34.18
CA THR B 112 33.88 7.26 34.98
C THR B 112 32.83 6.42 34.25
N LEU B 113 33.15 5.16 33.98
CA LEU B 113 32.20 4.25 33.37
C LEU B 113 31.07 3.97 34.35
N VAL B 114 29.88 4.48 34.06
CA VAL B 114 28.77 4.38 34.99
C VAL B 114 27.81 3.24 34.63
N ALA B 115 27.83 2.82 33.37
CA ALA B 115 26.95 1.75 32.91
C ALA B 115 27.41 1.20 31.55
N ARG B 116 26.98 -0.02 31.24
CA ARG B 116 27.29 -0.62 29.94
C ARG B 116 26.11 -1.44 29.45
N GLY B 117 25.76 -1.27 28.18
CA GLY B 117 24.63 -1.97 27.59
C GLY B 117 24.99 -2.70 26.31
N ARG B 118 24.21 -3.73 25.98
CA ARG B 118 24.43 -4.51 24.77
C ARG B 118 23.12 -4.68 24.01
N GLN B 119 23.20 -4.77 22.69
CA GLN B 119 22.01 -4.91 21.86
C GLN B 119 22.27 -5.81 20.64
N ARG B 120 21.61 -6.95 20.62
CA ARG B 120 21.75 -7.91 19.51
C ARG B 120 20.64 -7.68 18.49
N ILE B 121 21.03 -7.42 17.25
CA ILE B 121 20.06 -7.12 16.20
C ILE B 121 20.14 -8.14 15.05
N ALA B 122 18.99 -8.44 14.45
CA ALA B 122 18.92 -9.35 13.31
C ALA B 122 18.26 -8.69 12.10
N CYS B 123 18.93 -8.76 10.97
CA CYS B 123 18.42 -8.18 9.73
C CYS B 123 17.43 -9.13 9.05
N ARG B 125 13.90 -9.70 6.29
CA ARG B 125 13.11 -9.23 5.16
C ARG B 125 11.89 -10.14 4.97
N GLY B 126 10.89 -9.63 4.25
CA GLY B 126 9.70 -10.42 3.97
C GLY B 126 8.46 -9.94 4.70
N PRO B 127 7.34 -10.65 4.51
CA PRO B 127 6.03 -10.32 5.10
C PRO B 127 6.01 -10.49 6.62
N ASN B 128 4.84 -10.28 7.22
CA ASN B 128 4.67 -10.46 8.66
C ASN B 128 4.74 -11.92 9.04
N THR B 129 4.32 -12.79 8.12
CA THR B 129 4.29 -14.23 8.37
C THR B 129 5.63 -14.90 8.09
N ALA B 130 6.14 -14.76 6.87
CA ALA B 130 7.37 -15.43 6.45
C ALA B 130 8.56 -14.48 6.38
N THR B 131 9.16 -14.20 7.54
CA THR B 131 10.35 -13.37 7.59
C THR B 131 11.61 -14.18 7.27
N VAL B 132 12.41 -13.68 6.34
CA VAL B 132 13.69 -14.30 6.00
C VAL B 132 14.84 -13.35 6.28
N PRO B 133 15.95 -13.89 6.83
CA PRO B 133 17.11 -13.05 7.15
C PRO B 133 17.77 -12.53 5.89
N THR B 134 18.57 -11.48 6.01
CA THR B 134 19.27 -10.92 4.86
C THR B 134 20.69 -10.53 5.25
N LEU B 135 21.55 -10.40 4.25
CA LEU B 135 22.91 -9.91 4.47
C LEU B 135 22.81 -8.49 5.00
N ILE B 136 23.69 -8.15 5.94
CA ILE B 136 23.75 -6.80 6.46
C ILE B 136 24.00 -5.83 5.31
N PRO B 137 23.07 -4.87 5.12
CA PRO B 137 23.11 -3.90 4.02
C PRO B 137 24.48 -3.25 3.88
N GLU B 138 24.93 -3.10 2.64
CA GLU B 138 26.29 -2.65 2.34
C GLU B 138 26.66 -1.35 3.04
N ALA B 139 25.76 -0.38 3.01
CA ALA B 139 26.01 0.92 3.62
C ALA B 139 26.08 0.83 5.14
N LEU B 140 25.28 -0.05 5.72
CA LEU B 140 25.28 -0.24 7.17
C LEU B 140 26.59 -0.87 7.63
N ALA B 141 27.08 -1.84 6.88
CA ALA B 141 28.34 -2.50 7.19
C ALA B 141 29.51 -1.58 6.89
N GLU B 142 29.35 -0.71 5.89
CA GLU B 142 30.38 0.24 5.51
C GLU B 142 30.59 1.28 6.61
N ALA B 143 29.50 1.74 7.21
CA ALA B 143 29.58 2.76 8.25
C ALA B 143 30.05 2.20 9.59
N LEU B 144 30.11 0.87 9.68
CA LEU B 144 30.55 0.21 10.90
C LEU B 144 32.05 -0.04 10.92
N ALA B 145 32.71 0.22 9.79
CA ALA B 145 34.14 -0.04 9.65
C ALA B 145 35.05 0.69 10.66
N PRO B 146 34.88 2.02 10.83
CA PRO B 146 35.79 2.67 11.78
C PRO B 146 35.35 2.49 13.22
N TYR B 147 34.28 1.73 13.44
CA TYR B 147 33.76 1.53 14.80
C TYR B 147 33.91 0.08 15.24
N SER B 148 34.78 -0.65 14.56
CA SER B 148 35.03 -2.05 14.88
C SER B 148 36.02 -2.19 16.02
N PRO C 9 17.14 32.97 15.60
CA PRO C 9 16.49 34.08 14.89
C PRO C 9 15.62 34.89 15.84
N ASP C 10 14.42 34.38 16.12
CA ASP C 10 13.51 35.01 17.06
C ASP C 10 12.89 33.94 17.95
N TYR C 11 13.47 32.75 17.89
CA TYR C 11 12.98 31.59 18.64
C TYR C 11 14.13 30.69 19.05
N PHE C 12 13.85 29.80 20.01
CA PHE C 12 14.82 28.78 20.40
C PHE C 12 14.48 27.49 19.69
N GLU C 13 15.42 26.98 18.90
CA GLU C 13 15.14 25.84 18.03
C GLU C 13 15.66 24.50 18.55
N LEU C 14 14.81 23.49 18.47
CA LEU C 14 15.21 22.12 18.76
C LEU C 14 14.96 21.23 17.55
N ARG C 15 16.03 20.87 16.85
CA ARG C 15 15.91 19.96 15.72
C ARG C 15 15.68 18.54 16.18
N HIS C 16 14.68 17.88 15.60
CA HIS C 16 14.35 16.51 15.99
C HIS C 16 13.83 15.70 14.81
N THR C 17 14.39 14.51 14.65
CA THR C 17 13.91 13.58 13.63
C THR C 17 12.93 12.61 14.26
N VAL C 18 11.73 12.52 13.70
CA VAL C 18 10.70 11.63 14.23
C VAL C 18 11.17 10.18 14.21
N GLY C 19 11.26 9.59 15.40
CA GLY C 19 11.79 8.25 15.55
C GLY C 19 10.90 7.15 15.00
N PHE C 20 11.54 6.05 14.59
CA PHE C 20 10.82 4.88 14.12
C PHE C 20 9.99 4.28 15.24
N GLU C 21 10.46 4.47 16.48
CA GLU C 21 9.78 3.92 17.65
C GLU C 21 8.80 4.93 18.26
N GLU C 22 8.77 6.13 17.68
CA GLU C 22 7.84 7.18 18.14
C GLU C 22 6.56 7.14 17.33
N THR C 23 6.57 6.39 16.23
CA THR C 23 5.41 6.27 15.35
C THR C 23 4.69 4.96 15.64
N ASN C 24 3.36 4.98 15.64
CA ASN C 24 2.58 3.78 15.92
C ASN C 24 2.26 2.95 14.67
N LEU C 25 1.34 2.00 14.81
CA LEU C 25 1.05 1.03 13.77
C LEU C 25 0.20 1.56 12.61
N VAL C 26 -0.21 2.83 12.71
CA VAL C 26 -1.00 3.43 11.63
C VAL C 26 -0.23 4.54 10.91
N GLY C 27 0.97 4.85 11.40
CA GLY C 27 1.80 5.85 10.77
C GLY C 27 1.70 7.22 11.42
N ASN C 28 0.97 7.30 12.51
CA ASN C 28 0.81 8.56 13.23
C ASN C 28 1.75 8.68 14.43
N VAL C 29 1.88 9.89 14.94
CA VAL C 29 2.71 10.12 16.13
C VAL C 29 1.82 10.38 17.35
N TYR C 30 2.08 9.63 18.41
CA TYR C 30 1.37 9.79 19.69
C TYR C 30 1.49 11.24 20.15
N TYR C 31 0.36 11.84 20.52
CA TYR C 31 0.33 13.24 20.93
C TYR C 31 1.17 13.51 22.18
N VAL C 32 1.34 12.47 22.99
CA VAL C 32 2.19 12.57 24.18
C VAL C 32 3.63 12.86 23.79
N ASN C 33 4.10 12.20 22.73
CA ASN C 33 5.44 12.43 22.22
C ASN C 33 5.70 13.89 21.84
N TYR C 34 4.68 14.57 21.35
CA TYR C 34 4.78 15.99 21.03
C TYR C 34 5.18 16.82 22.25
N LEU C 35 4.60 16.47 23.39
CA LEU C 35 4.78 17.25 24.62
C LEU C 35 6.12 16.97 25.31
N ARG C 36 6.64 15.75 25.13
CA ARG C 36 7.95 15.41 25.64
C ARG C 36 8.99 16.22 24.89
N TRP C 37 8.73 16.42 23.59
CA TRP C 37 9.61 17.18 22.72
C TRP C 37 9.70 18.64 23.17
N GLN C 38 8.57 19.25 23.43
CA GLN C 38 8.55 20.66 23.84
C GLN C 38 9.01 20.80 25.29
N GLY C 39 8.90 19.72 26.05
CA GLY C 39 9.44 19.68 27.40
C GLY C 39 10.94 19.51 27.34
N ARG C 40 11.40 18.79 26.32
CA ARG C 40 12.83 18.62 26.08
C ARG C 40 13.42 19.93 25.57
N CYS C 41 12.68 20.60 24.71
CA CYS C 41 13.08 21.90 24.18
C CYS C 41 13.15 22.93 25.29
N ARG C 42 12.26 22.80 26.27
CA ARG C 42 12.23 23.71 27.41
C ARG C 42 13.41 23.47 28.33
N GLU C 43 13.68 22.20 28.63
CA GLU C 43 14.79 21.84 29.51
C GLU C 43 16.14 22.19 28.88
N LEU C 44 16.25 21.97 27.57
CA LEU C 44 17.48 22.28 26.85
C LEU C 44 17.73 23.79 26.84
N PHE C 45 16.64 24.55 26.84
CA PHE C 45 16.74 26.01 26.89
C PHE C 45 17.27 26.47 28.24
N LEU C 46 16.67 25.97 29.31
CA LEU C 46 17.09 26.32 30.67
C LEU C 46 18.51 25.83 30.92
N LYS C 47 18.87 24.72 30.30
CA LYS C 47 20.21 24.16 30.42
C LYS C 47 21.26 25.07 29.79
N GLU C 48 20.96 25.55 28.59
CA GLU C 48 21.93 26.32 27.82
C GLU C 48 21.95 27.81 28.21
N ARG C 49 20.76 28.39 28.37
CA ARG C 49 20.63 29.84 28.48
C ARG C 49 20.52 30.36 29.91
N ALA C 50 19.98 29.55 30.81
CA ALA C 50 19.84 29.98 32.20
C ALA C 50 20.03 28.83 33.19
N PRO C 51 21.28 28.35 33.33
CA PRO C 51 21.59 27.20 34.17
C PRO C 51 21.37 27.47 35.66
N SER C 52 21.35 28.75 36.04
CA SER C 52 21.14 29.12 37.43
C SER C 52 19.76 28.70 37.89
N VAL C 53 18.80 28.72 36.98
CA VAL C 53 17.43 28.34 37.29
C VAL C 53 17.35 26.87 37.71
N LEU C 54 18.11 26.03 37.01
CA LEU C 54 18.14 24.60 37.29
C LEU C 54 18.67 24.25 38.68
N ALA C 55 19.39 25.19 39.29
CA ALA C 55 19.95 24.96 40.61
C ALA C 55 19.05 25.51 41.72
N GLU C 56 18.36 26.62 41.41
CA GLU C 56 17.43 27.22 42.36
C GLU C 56 16.17 26.38 42.55
N VAL C 57 15.75 25.65 41.51
CA VAL C 57 14.54 24.83 41.61
C VAL C 57 14.72 23.65 42.55
N GLN C 58 15.97 23.33 42.86
CA GLN C 58 16.26 22.25 43.79
C GLN C 58 16.12 22.74 45.22
N GLU C 59 15.97 24.05 45.39
CA GLU C 59 15.79 24.62 46.70
C GLU C 59 14.33 25.05 46.92
N ASP C 60 14.11 26.35 47.14
CA ASP C 60 12.76 26.82 47.39
C ASP C 60 12.04 27.31 46.13
N LEU C 61 12.80 27.61 45.08
CA LEU C 61 12.19 28.07 43.83
C LEU C 61 11.37 26.96 43.17
N LYS C 62 10.21 27.33 42.65
CA LYS C 62 9.35 26.38 41.95
C LYS C 62 8.94 26.93 40.59
N LEU C 63 9.14 26.13 39.55
CA LEU C 63 8.64 26.47 38.22
C LEU C 63 7.35 25.71 37.97
N PHE C 64 6.27 26.16 38.60
CA PHE C 64 4.99 25.48 38.52
C PHE C 64 4.34 25.66 37.15
N THR C 65 4.07 24.55 36.49
CA THR C 65 3.35 24.57 35.22
C THR C 65 1.86 24.73 35.48
N LEU C 66 1.32 25.91 35.14
CA LEU C 66 -0.09 26.18 35.33
C LEU C 66 -0.94 25.38 34.34
N LYS C 67 -0.72 25.64 33.06
CA LYS C 67 -1.47 24.97 32.00
C LYS C 67 -0.54 24.62 30.85
N VAL C 68 -0.81 23.48 30.20
CA VAL C 68 -0.07 23.08 29.02
C VAL C 68 -1.04 22.51 27.97
N ASP C 69 -0.81 22.83 26.70
CA ASP C 69 -1.68 22.35 25.64
C ASP C 69 -0.93 22.22 24.32
N CYS C 70 -1.61 21.66 23.32
CA CYS C 70 -1.02 21.50 21.99
C CYS C 70 -2.12 21.25 20.96
N GLU C 71 -2.08 21.99 19.86
CA GLU C 71 -3.03 21.81 18.77
C GLU C 71 -2.36 21.11 17.60
N PHE C 72 -3.10 20.24 16.93
CA PHE C 72 -2.56 19.46 15.83
C PHE C 72 -3.32 19.72 14.53
N PHE C 73 -2.60 20.05 13.47
CA PHE C 73 -3.23 20.42 12.20
C PHE C 73 -2.91 19.43 11.08
N ALA C 74 -1.89 18.61 11.29
CA ALA C 74 -1.46 17.68 10.25
C ALA C 74 -0.95 16.36 10.82
N GLU C 75 -0.58 15.45 9.92
CA GLU C 75 -0.06 14.14 10.31
C GLU C 75 1.41 14.00 9.91
N ILE C 76 2.25 13.62 10.87
CA ILE C 76 3.65 13.33 10.59
C ILE C 76 3.96 11.88 10.90
N THR C 77 5.01 11.36 10.26
CA THR C 77 5.41 9.98 10.46
C THR C 77 6.92 9.88 10.68
N ALA C 78 7.42 8.65 10.77
CA ALA C 78 8.82 8.40 11.05
C ALA C 78 9.77 9.10 10.07
N PHE C 79 10.94 9.50 10.58
CA PHE C 79 12.00 10.10 9.78
C PHE C 79 11.65 11.46 9.18
N ASP C 80 10.58 12.07 9.65
CA ASP C 80 10.26 13.45 9.29
C ASP C 80 11.17 14.40 10.05
N GLU C 81 11.69 15.40 9.35
CA GLU C 81 12.55 16.39 9.98
C GLU C 81 11.72 17.53 10.58
N LEU C 82 11.80 17.68 11.90
CA LEU C 82 11.02 18.71 12.59
C LEU C 82 11.90 19.81 13.18
N SER C 83 11.37 21.03 13.16
CA SER C 83 12.03 22.17 13.78
C SER C 83 11.10 22.79 14.81
N ILE C 84 11.32 22.43 16.08
CA ILE C 84 10.49 22.94 17.16
C ILE C 84 10.96 24.32 17.59
N ARG C 85 10.09 25.32 17.41
CA ARG C 85 10.47 26.70 17.63
C ARG C 85 9.79 27.29 18.86
N ARG C 87 9.03 30.25 21.44
CA ARG C 87 8.98 31.70 21.57
C ARG C 87 8.38 32.14 22.89
N LEU C 88 8.51 33.42 23.19
CA LEU C 88 7.92 34.00 24.39
C LEU C 88 6.68 34.80 24.02
N SER C 89 5.50 34.21 24.21
CA SER C 89 4.26 34.84 23.83
C SER C 89 3.80 35.90 24.84
N GLU C 90 4.05 35.62 26.12
CA GLU C 90 3.65 36.54 27.18
C GLU C 90 4.56 36.43 28.39
N LEU C 91 4.93 37.57 28.96
CA LEU C 91 5.75 37.60 30.17
C LEU C 91 5.18 38.60 31.19
N ARG C 92 4.82 38.10 32.36
CA ARG C 92 4.41 38.97 33.45
C ARG C 92 5.54 39.10 34.46
N GLN C 93 5.21 39.60 35.66
CA GLN C 93 6.21 39.79 36.70
C GLN C 93 6.57 38.47 37.38
N THR C 94 5.58 37.58 37.47
CA THR C 94 5.78 36.28 38.13
C THR C 94 5.44 35.12 37.20
N GLN C 95 4.73 35.40 36.11
CA GLN C 95 4.34 34.37 35.16
C GLN C 95 4.95 34.58 33.79
N LEU C 96 4.93 33.52 32.97
CA LEU C 96 5.36 33.60 31.58
C LEU C 96 4.69 32.51 30.75
N GLU C 97 4.58 32.74 29.45
CA GLU C 97 3.98 31.77 28.56
C GLU C 97 4.86 31.50 27.34
N PHE C 98 5.22 30.24 27.14
CA PHE C 98 5.99 29.84 25.97
C PHE C 98 5.06 29.34 24.87
N THR C 99 5.49 29.49 23.63
CA THR C 99 4.74 28.99 22.49
C THR C 99 5.63 28.14 21.60
N PHE C 100 5.21 26.90 21.38
CA PHE C 100 5.99 25.95 20.60
C PHE C 100 5.40 25.73 19.22
N ASP C 101 6.14 26.10 18.18
CA ASP C 101 5.72 25.86 16.81
C ASP C 101 6.47 24.66 16.22
N TYR C 102 5.72 23.62 15.87
CA TYR C 102 6.30 22.43 15.28
C TYR C 102 6.36 22.56 13.76
N ILE C 103 7.55 22.82 13.25
CA ILE C 103 7.73 23.04 11.81
C ILE C 103 8.36 21.82 11.11
N LYS C 104 7.65 21.29 10.12
CA LYS C 104 8.14 20.17 9.34
C LYS C 104 9.06 20.65 8.22
N LEU C 105 10.30 20.18 8.23
CA LEU C 105 11.28 20.57 7.21
C LEU C 105 11.19 19.66 6.00
N GLY C 106 10.87 20.25 4.85
CA GLY C 106 10.79 19.51 3.60
C GLY C 106 12.14 19.38 2.93
N ASP C 107 12.24 18.45 1.98
CA ASP C 107 13.48 18.23 1.26
C ASP C 107 13.81 19.37 0.31
N ASP C 108 12.78 20.05 -0.18
CA ASP C 108 12.95 21.16 -1.12
C ASP C 108 13.01 22.49 -0.39
N GLY C 109 13.22 22.45 0.92
CA GLY C 109 13.34 23.66 1.71
C GLY C 109 12.01 24.19 2.20
N GLY C 110 10.94 23.46 1.93
CA GLY C 110 9.61 23.86 2.34
C GLY C 110 9.39 23.69 3.84
N GLU C 111 8.57 24.56 4.40
CA GLU C 111 8.24 24.52 5.83
C GLU C 111 6.74 24.51 6.05
N THR C 112 6.28 23.65 6.95
CA THR C 112 4.85 23.50 7.21
C THR C 112 4.54 23.47 8.70
N LEU C 113 3.61 24.30 9.14
CA LEU C 113 3.17 24.31 10.52
C LEU C 113 2.35 23.05 10.81
N VAL C 114 3.00 22.08 11.45
CA VAL C 114 2.35 20.81 11.75
C VAL C 114 1.50 20.89 13.01
N ALA C 115 2.08 21.42 14.08
CA ALA C 115 1.40 21.51 15.35
C ALA C 115 1.85 22.75 16.13
N ARG C 116 1.05 23.14 17.11
CA ARG C 116 1.39 24.27 17.97
C ARG C 116 0.98 24.00 19.40
N GLY C 117 1.90 24.23 20.33
CA GLY C 117 1.62 24.03 21.75
C GLY C 117 2.14 25.17 22.59
N ARG C 118 1.51 25.38 23.74
N ARG C 118 1.50 25.38 23.73
CA ARG C 118 1.93 26.43 24.66
CA ARG C 118 1.91 26.43 24.66
C ARG C 118 1.97 25.94 26.10
C ARG C 118 2.07 25.89 26.08
N GLN C 119 2.64 26.71 26.95
CA GLN C 119 2.84 26.32 28.35
C GLN C 119 2.97 27.53 29.26
N ARG C 120 2.09 27.61 30.27
CA ARG C 120 2.15 28.68 31.26
C ARG C 120 2.92 28.23 32.50
N ILE C 121 3.95 28.99 32.86
CA ILE C 121 4.77 28.64 34.01
C ILE C 121 4.73 29.75 35.07
N ALA C 122 4.44 29.36 36.31
CA ALA C 122 4.40 30.31 37.41
C ALA C 122 5.55 30.10 38.36
N CYS C 123 6.32 31.16 38.62
CA CYS C 123 7.46 31.10 39.53
C CYS C 123 7.01 31.35 40.96
N ARG C 125 7.86 30.35 45.41
CA ARG C 125 8.90 29.97 46.37
C ARG C 125 8.33 29.36 47.65
N GLY C 126 9.20 28.74 48.44
CA GLY C 126 8.80 28.14 49.70
C GLY C 126 8.28 26.72 49.53
N PRO C 127 8.10 26.00 50.66
CA PRO C 127 7.52 24.66 50.69
C PRO C 127 6.13 24.59 50.05
N ASN C 128 5.65 23.38 49.79
CA ASN C 128 4.41 23.16 49.04
C ASN C 128 3.18 23.90 49.59
N THR C 129 3.03 23.93 50.91
CA THR C 129 1.87 24.59 51.53
C THR C 129 2.09 26.09 51.68
N ALA C 130 3.35 26.48 51.82
CA ALA C 130 3.71 27.88 51.99
C ALA C 130 4.17 28.49 50.67
N THR C 131 3.54 28.09 49.57
CA THR C 131 3.90 28.60 48.26
C THR C 131 3.44 30.05 48.05
N VAL C 132 4.34 30.88 47.57
CA VAL C 132 4.05 32.29 47.28
C VAL C 132 4.69 32.71 45.97
N PRO C 133 3.99 33.55 45.19
CA PRO C 133 4.52 34.01 43.90
C PRO C 133 5.82 34.80 44.05
N THR C 134 6.77 34.54 43.16
CA THR C 134 8.05 35.23 43.18
C THR C 134 8.39 35.79 41.80
N LEU C 135 9.26 36.80 41.77
CA LEU C 135 9.67 37.41 40.51
C LEU C 135 10.50 36.44 39.68
N ILE C 136 10.45 36.59 38.36
CA ILE C 136 11.29 35.80 37.46
C ILE C 136 12.75 36.04 37.78
N PRO C 137 13.53 34.95 37.97
CA PRO C 137 14.96 35.03 38.24
C PRO C 137 15.69 35.85 37.19
N GLU C 138 16.64 36.67 37.62
CA GLU C 138 17.36 37.56 36.72
C GLU C 138 18.09 36.82 35.60
N ALA C 139 18.52 35.59 35.89
CA ALA C 139 19.18 34.77 34.89
C ALA C 139 18.21 34.37 33.78
N LEU C 140 16.96 34.12 34.16
CA LEU C 140 15.93 33.72 33.21
C LEU C 140 15.44 34.90 32.38
N ALA C 141 15.27 36.05 33.04
CA ALA C 141 14.83 37.27 32.36
C ALA C 141 15.87 37.73 31.36
N GLU C 142 17.13 37.48 31.68
CA GLU C 142 18.24 37.84 30.79
C GLU C 142 18.35 36.84 29.65
N ALA C 143 17.92 35.60 29.91
CA ALA C 143 17.98 34.55 28.90
C ALA C 143 16.88 34.71 27.85
N LEU C 144 15.77 35.34 28.24
CA LEU C 144 14.66 35.55 27.31
C LEU C 144 14.80 36.86 26.53
N ALA C 145 15.97 37.48 26.62
CA ALA C 145 16.24 38.74 25.93
C ALA C 145 16.16 38.69 24.40
N PRO C 146 16.76 37.66 23.75
CA PRO C 146 16.65 37.65 22.29
C PRO C 146 15.27 37.24 21.78
N TYR C 147 14.26 37.31 22.63
CA TYR C 147 12.89 37.03 22.23
C TYR C 147 11.99 38.18 22.66
N SER C 148 12.27 39.35 22.10
CA SER C 148 11.63 40.59 22.53
C SER C 148 10.90 41.28 21.38
N PRO D 9 -22.43 7.12 39.21
CA PRO D 9 -21.33 7.94 38.70
C PRO D 9 -21.55 8.39 37.26
N ASP D 10 -21.49 9.69 37.01
CA ASP D 10 -21.71 10.24 35.67
C ASP D 10 -20.43 10.24 34.86
N TYR D 11 -19.38 9.64 35.40
CA TYR D 11 -18.07 9.63 34.75
C TYR D 11 -17.50 8.21 34.60
N PHE D 12 -16.48 8.09 33.76
CA PHE D 12 -15.73 6.84 33.67
C PHE D 12 -14.44 6.98 34.47
N GLU D 13 -14.22 6.04 35.39
CA GLU D 13 -13.12 6.17 36.35
C GLU D 13 -11.94 5.26 36.04
N LEU D 14 -10.74 5.83 36.08
CA LEU D 14 -9.51 5.05 36.01
C LEU D 14 -8.70 5.28 37.28
N ARG D 15 -8.62 4.26 38.13
CA ARG D 15 -7.82 4.35 39.35
C ARG D 15 -6.34 4.22 39.03
N HIS D 16 -5.53 5.09 39.64
CA HIS D 16 -4.10 5.07 39.40
C HIS D 16 -3.32 5.54 40.62
N THR D 17 -2.24 4.83 40.93
CA THR D 17 -1.35 5.21 42.01
C THR D 17 -0.06 5.76 41.42
N VAL D 18 0.32 6.96 41.86
CA VAL D 18 1.51 7.62 41.33
C VAL D 18 2.77 6.80 41.59
N GLY D 19 3.44 6.41 40.51
CA GLY D 19 4.63 5.58 40.61
C GLY D 19 5.81 6.28 41.24
N PHE D 20 6.68 5.51 41.88
CA PHE D 20 7.89 6.03 42.49
C PHE D 20 8.82 6.61 41.42
N GLU D 21 8.73 6.08 40.21
CA GLU D 21 9.56 6.54 39.10
C GLU D 21 8.83 7.57 38.25
N GLU D 22 7.57 7.83 38.56
CA GLU D 22 6.78 8.82 37.84
C GLU D 22 6.99 10.23 38.41
N THR D 23 7.74 10.32 39.49
CA THR D 23 8.05 11.61 40.11
C THR D 23 9.39 12.11 39.61
N ASN D 24 9.61 13.42 39.72
CA ASN D 24 10.89 14.00 39.31
C ASN D 24 11.81 14.31 40.49
N LEU D 25 12.84 15.12 40.23
CA LEU D 25 13.89 15.38 41.21
C LEU D 25 13.40 16.02 42.50
N VAL D 26 12.43 16.92 42.39
CA VAL D 26 11.93 17.64 43.55
C VAL D 26 10.71 16.99 44.18
N GLY D 27 10.38 15.78 43.72
CA GLY D 27 9.28 15.02 44.27
C GLY D 27 7.93 15.34 43.66
N ASN D 28 7.95 16.00 42.51
CA ASN D 28 6.71 16.31 41.80
C ASN D 28 6.53 15.40 40.58
N VAL D 29 5.33 15.41 40.01
CA VAL D 29 5.03 14.57 38.85
C VAL D 29 5.21 15.34 37.55
N TYR D 30 6.00 14.77 36.65
CA TYR D 30 6.19 15.31 35.30
C TYR D 30 4.83 15.45 34.64
N TYR D 31 4.56 16.61 34.04
CA TYR D 31 3.25 16.89 33.47
C TYR D 31 2.89 15.95 32.32
N VAL D 32 3.90 15.42 31.64
CA VAL D 32 3.69 14.48 30.55
C VAL D 32 2.97 13.23 31.06
N ASN D 33 3.29 12.82 32.28
CA ASN D 33 2.64 11.66 32.89
C ASN D 33 1.14 11.84 33.08
N TYR D 34 0.70 13.09 33.26
CA TYR D 34 -0.71 13.39 33.38
C TYR D 34 -1.47 13.00 32.13
N LEU D 35 -0.91 13.35 30.97
CA LEU D 35 -1.55 13.04 29.70
C LEU D 35 -1.29 11.59 29.31
N ARG D 36 -0.29 10.99 29.94
CA ARG D 36 -0.01 9.57 29.78
C ARG D 36 -1.18 8.80 30.38
N TRP D 37 -1.68 9.31 31.51
CA TRP D 37 -2.79 8.69 32.22
C TRP D 37 -4.10 8.92 31.48
N GLN D 38 -4.17 9.99 30.70
CA GLN D 38 -5.35 10.29 29.90
C GLN D 38 -5.54 9.24 28.81
N GLY D 39 -4.45 8.85 28.17
CA GLY D 39 -4.48 7.85 27.13
C GLY D 39 -4.96 6.51 27.65
N ARG D 40 -4.48 6.14 28.84
CA ARG D 40 -4.86 4.87 29.46
C ARG D 40 -6.33 4.89 29.87
N CYS D 41 -6.85 6.08 30.18
CA CYS D 41 -8.24 6.22 30.57
C CYS D 41 -9.16 6.15 29.34
N ARG D 42 -8.69 6.71 28.23
CA ARG D 42 -9.43 6.66 26.98
C ARG D 42 -9.41 5.25 26.41
N GLU D 43 -8.25 4.61 26.49
CA GLU D 43 -8.08 3.24 26.00
C GLU D 43 -8.94 2.26 26.78
N LEU D 44 -8.93 2.39 28.11
CA LEU D 44 -9.70 1.50 28.97
C LEU D 44 -11.20 1.63 28.73
N PHE D 45 -11.65 2.86 28.49
CA PHE D 45 -13.06 3.11 28.22
C PHE D 45 -13.49 2.44 26.92
N LEU D 46 -12.68 2.62 25.89
CA LEU D 46 -12.95 2.02 24.58
C LEU D 46 -12.95 0.49 24.66
N LYS D 47 -12.11 -0.06 25.52
CA LYS D 47 -11.98 -1.51 25.66
C LYS D 47 -13.25 -2.15 26.20
N GLU D 48 -13.77 -1.59 27.30
CA GLU D 48 -14.92 -2.14 28.00
C GLU D 48 -16.26 -1.69 27.41
N ARG D 49 -16.39 -0.39 27.16
CA ARG D 49 -17.67 0.20 26.76
C ARG D 49 -17.97 0.08 25.27
N ALA D 50 -16.95 0.17 24.43
CA ALA D 50 -17.15 0.07 22.98
C ALA D 50 -16.04 -0.73 22.29
N PRO D 51 -16.03 -2.06 22.50
CA PRO D 51 -15.00 -2.92 21.92
C PRO D 51 -15.04 -2.93 20.39
N SER D 52 -16.18 -2.54 19.82
CA SER D 52 -16.35 -2.53 18.39
C SER D 52 -15.51 -1.43 17.73
N VAL D 53 -15.24 -0.37 18.49
CA VAL D 53 -14.45 0.75 17.99
C VAL D 53 -12.99 0.36 17.79
N LEU D 54 -12.43 -0.39 18.73
CA LEU D 54 -11.04 -0.84 18.66
C LEU D 54 -10.82 -1.75 17.46
N ALA D 55 -11.84 -2.53 17.12
CA ALA D 55 -11.77 -3.42 15.97
C ALA D 55 -11.97 -2.65 14.68
N GLU D 56 -12.43 -1.39 14.81
CA GLU D 56 -12.69 -0.55 13.65
C GLU D 56 -11.54 0.43 13.41
N VAL D 57 -10.85 0.81 14.48
CA VAL D 57 -9.84 1.86 14.41
C VAL D 57 -8.45 1.36 13.98
N GLN D 58 -8.29 0.04 13.87
CA GLN D 58 -6.97 -0.52 13.57
C GLN D 58 -6.72 -0.78 12.09
N GLU D 59 -7.78 -0.79 11.28
CA GLU D 59 -7.62 -1.09 9.86
C GLU D 59 -8.02 0.07 8.93
N ASP D 60 -9.04 0.83 9.30
CA ASP D 60 -9.49 1.93 8.44
C ASP D 60 -9.85 3.21 9.21
N LEU D 61 -10.50 3.05 10.36
CA LEU D 61 -10.90 4.21 11.17
C LEU D 61 -9.71 4.85 11.88
N LYS D 62 -9.70 6.17 11.99
CA LYS D 62 -8.66 6.87 12.71
C LYS D 62 -9.25 7.93 13.64
N LEU D 63 -8.96 7.81 14.93
CA LEU D 63 -9.38 8.81 15.91
C LEU D 63 -8.28 9.85 16.05
N PHE D 64 -8.36 10.90 15.25
CA PHE D 64 -7.32 11.93 15.21
C PHE D 64 -7.49 12.97 16.31
N THR D 65 -6.46 13.11 17.14
CA THR D 65 -6.48 14.09 18.22
C THR D 65 -6.22 15.50 17.69
N LEU D 66 -7.20 16.37 17.85
CA LEU D 66 -7.08 17.75 17.40
C LEU D 66 -6.37 18.62 18.43
N LYS D 67 -6.79 18.50 19.68
CA LYS D 67 -6.20 19.29 20.77
C LYS D 67 -6.26 18.58 22.11
N VAL D 68 -5.13 18.61 22.83
CA VAL D 68 -5.07 18.13 24.20
C VAL D 68 -4.60 19.26 25.10
N ASP D 69 -5.07 19.26 26.34
CA ASP D 69 -4.64 20.24 27.33
C ASP D 69 -4.83 19.72 28.74
N CYS D 70 -4.23 20.40 29.71
CA CYS D 70 -4.35 20.02 31.11
C CYS D 70 -3.87 21.15 32.01
N GLU D 71 -4.77 21.65 32.85
CA GLU D 71 -4.39 22.69 33.80
C GLU D 71 -4.20 22.08 35.19
N PHE D 72 -3.15 22.53 35.88
CA PHE D 72 -2.82 21.98 37.18
C PHE D 72 -3.12 22.98 38.31
N PHE D 73 -3.67 22.47 39.41
CA PHE D 73 -4.09 23.30 40.52
C PHE D 73 -3.24 23.06 41.76
N ALA D 74 -3.03 21.79 42.09
CA ALA D 74 -2.18 21.42 43.21
C ALA D 74 -1.03 20.54 42.74
N GLU D 75 -0.22 20.09 43.70
CA GLU D 75 0.92 19.23 43.38
C GLU D 75 0.79 17.89 44.07
N ILE D 76 1.09 16.81 43.35
CA ILE D 76 1.04 15.47 43.91
C ILE D 76 2.41 14.78 43.81
N THR D 77 2.64 13.81 44.69
CA THR D 77 3.89 13.07 44.71
C THR D 77 3.65 11.57 44.59
N ALA D 78 4.69 10.79 44.87
CA ALA D 78 4.62 9.34 44.73
C ALA D 78 3.58 8.69 45.65
N PHE D 79 2.97 7.61 45.15
CA PHE D 79 2.02 6.80 45.92
C PHE D 79 0.75 7.53 46.31
N ASP D 80 0.53 8.71 45.73
CA ASP D 80 -0.71 9.43 45.92
C ASP D 80 -1.82 8.76 45.11
N GLU D 81 -2.89 8.37 45.79
CA GLU D 81 -4.00 7.69 45.13
C GLU D 81 -4.83 8.67 44.29
N LEU D 82 -4.97 8.37 43.01
CA LEU D 82 -5.69 9.24 42.09
C LEU D 82 -6.93 8.56 41.50
N SER D 83 -8.00 9.34 41.35
CA SER D 83 -9.21 8.86 40.70
C SER D 83 -9.51 9.73 39.49
N ILE D 84 -9.09 9.26 38.32
CA ILE D 84 -9.25 10.02 37.09
C ILE D 84 -10.61 9.79 36.45
N ARG D 85 -11.47 10.80 36.55
CA ARG D 85 -12.83 10.70 36.01
C ARG D 85 -12.92 11.29 34.62
N ARG D 87 -15.42 12.21 31.26
CA ARG D 87 -16.81 12.49 30.91
C ARG D 87 -16.90 13.19 29.56
N LEU D 88 -18.04 13.02 28.89
CA LEU D 88 -18.27 13.63 27.58
C LEU D 88 -18.71 15.07 27.73
N SER D 89 -17.85 16.01 27.37
CA SER D 89 -18.16 17.43 27.50
C SER D 89 -18.91 17.96 26.28
N GLU D 90 -18.46 17.56 25.10
CA GLU D 90 -19.09 18.00 23.85
C GLU D 90 -19.23 16.85 22.86
N LEU D 91 -20.40 16.77 22.22
CA LEU D 91 -20.67 15.75 21.23
C LEU D 91 -21.12 16.38 19.91
N ARG D 92 -20.55 15.91 18.80
CA ARG D 92 -20.91 16.40 17.47
C ARG D 92 -21.03 15.25 16.48
N GLN D 93 -21.24 15.58 15.20
CA GLN D 93 -21.40 14.57 14.17
C GLN D 93 -20.08 13.92 13.77
N THR D 94 -19.01 14.70 13.81
CA THR D 94 -17.69 14.21 13.40
C THR D 94 -16.64 14.34 14.51
N GLN D 95 -16.95 15.13 15.53
CA GLN D 95 -16.00 15.39 16.61
C GLN D 95 -16.61 15.10 17.98
N LEU D 96 -15.74 14.93 18.98
CA LEU D 96 -16.18 14.76 20.36
C LEU D 96 -15.07 15.19 21.32
N GLU D 97 -15.45 15.75 22.46
CA GLU D 97 -14.49 16.27 23.43
C GLU D 97 -14.64 15.59 24.79
N PHE D 98 -13.53 15.11 25.33
CA PHE D 98 -13.53 14.50 26.65
C PHE D 98 -13.01 15.48 27.70
N THR D 99 -13.39 15.25 28.95
CA THR D 99 -12.89 16.04 30.07
C THR D 99 -12.46 15.14 31.21
N PHE D 100 -11.23 15.31 31.66
CA PHE D 100 -10.64 14.43 32.68
C PHE D 100 -10.44 15.17 34.00
N ASP D 101 -11.10 14.68 35.04
CA ASP D 101 -10.92 15.22 36.39
C ASP D 101 -9.88 14.41 37.15
N TYR D 102 -8.81 15.09 37.58
CA TYR D 102 -7.77 14.45 38.37
C TYR D 102 -8.03 14.66 39.86
N ILE D 103 -8.61 13.66 40.50
CA ILE D 103 -8.98 13.76 41.90
C ILE D 103 -8.03 12.98 42.80
N LYS D 104 -7.32 13.68 43.67
CA LYS D 104 -6.46 13.04 44.66
C LYS D 104 -7.27 12.59 45.86
N LEU D 105 -7.36 11.27 46.05
CA LEU D 105 -8.10 10.70 47.16
C LEU D 105 -7.30 10.81 48.45
N GLY D 106 -7.85 11.54 49.43
CA GLY D 106 -7.20 11.70 50.71
C GLY D 106 -7.12 10.40 51.47
N ASP D 107 -6.24 10.34 52.47
CA ASP D 107 -6.05 9.14 53.26
C ASP D 107 -7.27 8.81 54.12
N ASP D 108 -8.09 9.83 54.39
CA ASP D 108 -9.28 9.66 55.20
C ASP D 108 -10.51 9.37 54.34
N GLY D 109 -10.50 9.89 53.12
CA GLY D 109 -11.61 9.72 52.21
C GLY D 109 -11.98 11.01 51.51
N GLY D 110 -11.20 12.06 51.77
CA GLY D 110 -11.43 13.35 51.16
C GLY D 110 -11.04 13.35 49.70
N GLU D 111 -11.52 14.34 48.96
CA GLU D 111 -11.25 14.46 47.53
C GLU D 111 -10.78 15.86 47.18
N THR D 112 -9.81 15.95 46.27
CA THR D 112 -9.24 17.23 45.88
C THR D 112 -8.96 17.31 44.39
N LEU D 113 -9.49 18.35 43.75
CA LEU D 113 -9.27 18.57 42.32
C LEU D 113 -7.84 19.06 42.08
N VAL D 114 -6.95 18.13 41.77
CA VAL D 114 -5.55 18.46 41.54
C VAL D 114 -5.33 19.01 40.14
N ALA D 115 -5.94 18.37 39.14
CA ALA D 115 -5.81 18.83 37.77
C ALA D 115 -7.07 18.57 36.95
N ARG D 116 -7.13 19.16 35.77
CA ARG D 116 -8.24 18.96 34.85
C ARG D 116 -7.79 19.19 33.42
N GLY D 117 -8.10 18.24 32.54
CA GLY D 117 -7.67 18.33 31.16
C GLY D 117 -8.74 17.92 30.16
N ARG D 118 -8.56 18.36 28.91
CA ARG D 118 -9.49 18.01 27.85
C ARG D 118 -8.78 17.37 26.66
N GLN D 119 -9.54 16.64 25.85
CA GLN D 119 -9.02 16.06 24.62
C GLN D 119 -10.05 16.15 23.50
N ARG D 120 -9.64 16.71 22.37
CA ARG D 120 -10.55 16.93 21.25
C ARG D 120 -10.20 15.99 20.10
N ILE D 121 -11.14 15.09 19.78
CA ILE D 121 -10.89 14.07 18.77
C ILE D 121 -11.83 14.19 17.58
N ALA D 122 -11.26 14.10 16.38
CA ALA D 122 -12.06 14.09 15.16
C ALA D 122 -12.01 12.71 14.52
N CYS D 123 -13.17 12.18 14.17
CA CYS D 123 -13.26 10.84 13.58
C CYS D 123 -12.93 10.87 12.09
N ARG D 125 -11.38 8.25 8.55
CA ARG D 125 -11.15 6.91 8.00
C ARG D 125 -10.73 6.96 6.53
N ALA D 130 -5.56 10.17 2.90
CA ALA D 130 -5.73 8.76 3.24
C ALA D 130 -6.84 8.58 4.25
N THR D 131 -7.42 9.69 4.72
CA THR D 131 -8.48 9.65 5.70
C THR D 131 -9.73 10.38 5.20
N VAL D 132 -10.88 10.04 5.76
CA VAL D 132 -12.15 10.66 5.39
C VAL D 132 -12.91 11.08 6.64
N PRO D 133 -13.29 12.37 6.72
CA PRO D 133 -14.09 12.88 7.84
C PRO D 133 -15.38 12.08 7.99
N THR D 134 -15.41 11.15 8.94
CA THR D 134 -16.51 10.20 9.06
C THR D 134 -17.42 10.46 10.26
N LEU D 135 -18.58 9.80 10.26
CA LEU D 135 -19.50 9.87 11.39
C LEU D 135 -18.89 9.21 12.61
N ILE D 136 -19.28 9.69 13.80
CA ILE D 136 -18.94 9.01 15.02
C ILE D 136 -19.66 7.67 15.05
N PRO D 137 -18.90 6.57 15.19
CA PRO D 137 -19.45 5.21 15.25
C PRO D 137 -20.59 5.11 16.27
N GLU D 138 -21.72 4.55 15.83
CA GLU D 138 -22.92 4.48 16.66
C GLU D 138 -22.68 3.75 17.97
N ALA D 139 -21.80 2.75 17.93
CA ALA D 139 -21.43 2.01 19.13
C ALA D 139 -20.71 2.91 20.13
N LEU D 140 -19.89 3.82 19.61
CA LEU D 140 -19.16 4.76 20.45
C LEU D 140 -20.10 5.76 21.11
N ALA D 141 -21.11 6.18 20.36
CA ALA D 141 -22.07 7.18 20.85
C ALA D 141 -22.98 6.59 21.94
N GLU D 142 -23.39 5.34 21.75
CA GLU D 142 -24.29 4.69 22.70
C GLU D 142 -23.61 4.41 24.03
N ALA D 143 -22.29 4.19 23.98
CA ALA D 143 -21.52 3.93 25.19
C ALA D 143 -21.26 5.22 25.95
N LEU D 144 -21.40 6.34 25.26
CA LEU D 144 -21.18 7.66 25.86
C LEU D 144 -22.45 8.24 26.47
N ALA D 145 -23.58 7.57 26.22
CA ALA D 145 -24.88 8.05 26.72
C ALA D 145 -24.95 8.28 28.23
N PRO D 146 -24.38 7.35 29.03
CA PRO D 146 -24.34 7.70 30.47
C PRO D 146 -23.49 8.94 30.75
N TYR D 147 -22.28 8.97 30.18
CA TYR D 147 -21.27 9.95 30.55
C TYR D 147 -21.40 11.30 29.84
N SER D 148 -22.58 11.59 29.30
CA SER D 148 -22.80 12.86 28.62
C SER D 148 -22.80 14.03 29.60
N PRO E 9 8.53 20.20 -26.82
CA PRO E 9 7.10 20.00 -27.09
C PRO E 9 6.28 19.95 -25.81
N ASP E 10 5.13 20.63 -25.80
CA ASP E 10 4.26 20.65 -24.64
C ASP E 10 3.24 19.52 -24.69
N TYR E 11 3.59 18.44 -25.37
CA TYR E 11 2.77 17.24 -25.43
C TYR E 11 3.62 15.98 -25.36
N PHE E 12 3.07 14.92 -24.79
CA PHE E 12 3.75 13.63 -24.80
C PHE E 12 3.28 12.85 -26.03
N GLU E 13 4.21 12.61 -26.95
CA GLU E 13 3.87 11.99 -28.23
C GLU E 13 4.08 10.48 -28.23
N LEU E 14 3.07 9.76 -28.69
CA LEU E 14 3.19 8.33 -28.93
C LEU E 14 3.02 8.05 -30.42
N ARG E 15 4.12 7.81 -31.11
CA ARG E 15 4.08 7.49 -32.52
C ARG E 15 3.50 6.11 -32.74
N HIS E 16 2.41 6.03 -33.50
CA HIS E 16 1.78 4.75 -33.77
C HIS E 16 1.31 4.65 -35.22
N THR E 17 1.80 3.65 -35.94
CA THR E 17 1.33 3.38 -37.28
C THR E 17 0.15 2.42 -37.21
N VAL E 18 -0.97 2.81 -37.81
CA VAL E 18 -2.18 2.00 -37.76
C VAL E 18 -1.96 0.62 -38.36
N GLY E 19 -2.10 -0.41 -37.53
CA GLY E 19 -1.88 -1.78 -37.95
C GLY E 19 -2.89 -2.24 -38.99
N PHE E 20 -2.46 -3.20 -39.79
CA PHE E 20 -3.31 -3.77 -40.83
C PHE E 20 -4.45 -4.56 -40.20
N GLU E 21 -4.22 -5.08 -38.99
CA GLU E 21 -5.22 -5.88 -38.29
C GLU E 21 -6.07 -5.03 -37.36
N GLU E 22 -5.74 -3.75 -37.25
CA GLU E 22 -6.53 -2.82 -36.43
C GLU E 22 -7.62 -2.16 -37.27
N THR E 23 -7.87 -2.72 -38.46
CA THR E 23 -8.84 -2.17 -39.39
C THR E 23 -10.05 -3.10 -39.47
N ASN E 24 -11.25 -2.52 -39.58
CA ASN E 24 -12.46 -3.32 -39.74
C ASN E 24 -12.71 -3.72 -41.19
N LEU E 25 -13.90 -4.24 -41.46
CA LEU E 25 -14.24 -4.76 -42.78
C LEU E 25 -14.29 -3.67 -43.85
N VAL E 26 -14.81 -2.51 -43.49
CA VAL E 26 -15.05 -1.45 -44.46
C VAL E 26 -13.82 -0.57 -44.70
N GLY E 27 -12.81 -0.72 -43.86
CA GLY E 27 -11.57 0.03 -44.02
C GLY E 27 -11.31 1.01 -42.89
N ASN E 28 -12.28 1.16 -42.00
CA ASN E 28 -12.15 2.05 -40.85
C ASN E 28 -11.46 1.37 -39.68
N VAL E 29 -11.20 2.14 -38.62
CA VAL E 29 -10.55 1.60 -37.44
C VAL E 29 -11.54 1.44 -36.29
N TYR E 30 -11.52 0.26 -35.66
CA TYR E 30 -12.35 -0.01 -34.50
C TYR E 30 -12.11 1.04 -33.43
N TYR E 31 -13.19 1.64 -32.93
CA TYR E 31 -13.07 2.72 -31.95
C TYR E 31 -12.40 2.29 -30.66
N VAL E 32 -12.46 0.99 -30.36
CA VAL E 32 -11.82 0.43 -29.19
C VAL E 32 -10.31 0.56 -29.28
N ASN E 33 -9.78 0.40 -30.49
CA ASN E 33 -8.34 0.53 -30.73
C ASN E 33 -7.81 1.93 -30.41
N TYR E 34 -8.66 2.94 -30.59
CA TYR E 34 -8.30 4.31 -30.23
C TYR E 34 -8.02 4.41 -28.74
N LEU E 35 -8.74 3.63 -27.94
CA LEU E 35 -8.60 3.66 -26.50
C LEU E 35 -7.48 2.73 -26.02
N ARG E 36 -7.12 1.77 -26.85
CA ARG E 36 -6.01 0.87 -26.55
C ARG E 36 -4.69 1.59 -26.80
N TRP E 37 -4.66 2.41 -27.85
CA TRP E 37 -3.51 3.25 -28.13
C TRP E 37 -3.38 4.29 -27.02
N GLN E 38 -4.54 4.76 -26.55
CA GLN E 38 -4.60 5.73 -25.47
C GLN E 38 -4.08 5.13 -24.17
N GLY E 39 -4.26 3.82 -24.01
CA GLY E 39 -3.82 3.12 -22.82
C GLY E 39 -2.31 2.89 -22.80
N ARG E 40 -1.74 2.58 -23.96
CA ARG E 40 -0.30 2.34 -24.05
C ARG E 40 0.47 3.66 -24.07
N CYS E 41 -0.25 4.76 -24.26
CA CYS E 41 0.36 6.09 -24.27
C CYS E 41 0.66 6.56 -22.86
N ARG E 42 -0.35 6.49 -21.99
CA ARG E 42 -0.17 6.84 -20.58
C ARG E 42 0.75 5.83 -19.91
N GLU E 43 0.76 4.61 -20.43
CA GLU E 43 1.64 3.57 -19.93
C GLU E 43 3.09 3.91 -20.26
N LEU E 44 3.32 4.36 -21.49
CA LEU E 44 4.66 4.74 -21.93
C LEU E 44 5.16 5.96 -21.17
N PHE E 45 4.27 6.92 -20.93
CA PHE E 45 4.60 8.12 -20.17
C PHE E 45 5.05 7.78 -18.76
N LEU E 46 4.39 6.79 -18.16
CA LEU E 46 4.73 6.35 -16.81
C LEU E 46 6.01 5.53 -16.82
N LYS E 47 6.33 4.93 -17.97
CA LYS E 47 7.58 4.22 -18.14
C LYS E 47 8.76 5.19 -18.19
N GLU E 48 8.62 6.23 -19.02
CA GLU E 48 9.72 7.15 -19.31
C GLU E 48 9.93 8.25 -18.26
N ARG E 49 8.90 9.06 -18.02
CA ARG E 49 9.07 10.25 -17.19
C ARG E 49 8.67 10.10 -15.72
N ALA E 50 8.15 8.93 -15.36
CA ALA E 50 7.76 8.69 -13.97
C ALA E 50 7.71 7.20 -13.62
N PRO E 51 8.88 6.54 -13.62
CA PRO E 51 8.96 5.08 -13.46
C PRO E 51 8.63 4.62 -12.04
N SER E 52 8.81 5.50 -11.05
CA SER E 52 8.57 5.14 -9.66
C SER E 52 7.10 4.84 -9.37
N VAL E 53 6.19 5.51 -10.09
CA VAL E 53 4.76 5.29 -9.92
C VAL E 53 4.39 3.84 -10.21
N LEU E 54 5.07 3.25 -11.20
CA LEU E 54 4.84 1.88 -11.61
C LEU E 54 5.16 0.87 -10.50
N ALA E 55 6.15 1.20 -9.69
CA ALA E 55 6.54 0.36 -8.57
C ALA E 55 5.51 0.47 -7.46
N GLU E 56 4.89 1.64 -7.36
CA GLU E 56 3.90 1.89 -6.32
C GLU E 56 2.57 1.21 -6.66
N VAL E 57 2.21 1.22 -7.94
CA VAL E 57 0.90 0.71 -8.36
C VAL E 57 0.83 -0.83 -8.33
N GLN E 58 1.93 -1.49 -8.69
CA GLN E 58 1.97 -2.95 -8.71
C GLN E 58 2.04 -3.55 -7.31
N GLU E 59 2.46 -2.74 -6.33
CA GLU E 59 2.69 -3.22 -4.97
C GLU E 59 1.70 -2.67 -3.94
N ASP E 60 1.41 -1.37 -4.02
CA ASP E 60 0.60 -0.71 -2.99
C ASP E 60 -0.76 -0.21 -3.47
N LEU E 61 -0.74 0.92 -4.18
CA LEU E 61 -1.98 1.59 -4.57
C LEU E 61 -2.37 1.29 -6.01
N LYS E 62 -3.33 2.04 -6.55
CA LYS E 62 -3.82 1.82 -7.91
C LYS E 62 -4.58 3.03 -8.45
N LEU E 63 -4.23 3.44 -9.66
CA LEU E 63 -4.93 4.53 -10.33
C LEU E 63 -6.28 4.02 -10.84
N PHE E 64 -7.34 4.76 -10.56
CA PHE E 64 -8.69 4.34 -10.94
C PHE E 64 -9.31 5.27 -11.98
N THR E 65 -9.76 4.69 -13.09
CA THR E 65 -10.38 5.46 -14.16
C THR E 65 -11.82 5.78 -13.83
N LEU E 66 -12.12 7.07 -13.75
CA LEU E 66 -13.47 7.55 -13.46
C LEU E 66 -14.29 7.66 -14.74
N LYS E 67 -13.82 8.48 -15.67
CA LYS E 67 -14.55 8.74 -16.90
C LYS E 67 -13.63 8.71 -18.11
N VAL E 68 -13.96 7.85 -19.08
CA VAL E 68 -13.20 7.76 -20.32
C VAL E 68 -14.09 8.10 -21.51
N ASP E 69 -13.51 8.72 -22.54
CA ASP E 69 -14.24 9.06 -23.76
C ASP E 69 -13.32 9.35 -24.93
N CYS E 70 -13.87 9.35 -26.13
CA CYS E 70 -13.13 9.71 -27.33
C CYS E 70 -14.08 10.25 -28.39
N GLU E 71 -13.69 11.34 -29.04
CA GLU E 71 -14.53 11.96 -30.06
C GLU E 71 -13.86 11.82 -31.43
N PHE E 72 -14.60 11.30 -32.39
CA PHE E 72 -14.03 10.99 -33.71
C PHE E 72 -14.45 12.02 -34.76
N PHE E 73 -13.47 12.50 -35.52
CA PHE E 73 -13.69 13.56 -36.48
C PHE E 73 -13.57 13.08 -37.92
N ALA E 74 -12.73 12.08 -38.15
CA ALA E 74 -12.50 11.56 -39.49
C ALA E 74 -12.31 10.05 -39.48
N GLU E 75 -12.11 9.48 -40.66
CA GLU E 75 -11.87 8.04 -40.79
C GLU E 75 -10.45 7.76 -41.26
N ILE E 76 -9.67 7.09 -40.41
CA ILE E 76 -8.32 6.69 -40.77
C ILE E 76 -8.31 5.21 -41.16
N THR E 77 -7.28 4.80 -41.90
CA THR E 77 -7.17 3.42 -42.34
C THR E 77 -5.80 2.83 -42.00
N ALA E 78 -5.51 1.66 -42.56
CA ALA E 78 -4.27 0.94 -42.27
C ALA E 78 -3.03 1.73 -42.69
N PHE E 79 -1.97 1.58 -41.91
CA PHE E 79 -0.67 2.18 -42.19
C PHE E 79 -0.68 3.71 -42.21
N ASP E 80 -1.65 4.30 -41.53
CA ASP E 80 -1.68 5.75 -41.34
C ASP E 80 -0.79 6.13 -40.17
N GLU E 81 0.13 7.05 -40.40
CA GLU E 81 1.02 7.52 -39.35
C GLU E 81 0.28 8.47 -38.41
N LEU E 82 0.25 8.09 -37.12
CA LEU E 82 -0.48 8.87 -36.14
C LEU E 82 0.43 9.45 -35.05
N SER E 83 0.11 10.66 -34.62
CA SER E 83 0.81 11.29 -33.51
C SER E 83 -0.15 11.45 -32.33
N ILE E 84 0.01 10.59 -31.32
CA ILE E 84 -0.85 10.64 -30.14
C ILE E 84 -0.26 11.56 -29.09
N ARG E 85 -0.79 12.78 -29.02
CA ARG E 85 -0.25 13.80 -28.15
C ARG E 85 -1.08 13.97 -26.88
N ARG E 87 -1.85 15.59 -23.17
CA ARG E 87 -1.65 16.77 -22.34
C ARG E 87 -2.48 16.68 -21.06
N LEU E 88 -2.21 17.60 -20.14
CA LEU E 88 -2.97 17.66 -18.89
C LEU E 88 -3.95 18.82 -18.93
N SER E 89 -5.20 18.52 -19.27
CA SER E 89 -6.24 19.53 -19.37
C SER E 89 -6.65 20.08 -18.00
N GLU E 90 -6.97 19.18 -17.08
CA GLU E 90 -7.34 19.59 -15.72
C GLU E 90 -6.34 19.08 -14.68
N LEU E 91 -5.99 19.95 -13.75
CA LEU E 91 -5.01 19.63 -12.71
C LEU E 91 -5.55 19.91 -11.32
N ARG E 92 -5.77 18.85 -10.54
CA ARG E 92 -6.17 18.98 -9.14
C ARG E 92 -5.34 18.08 -8.23
N GLN E 93 -5.65 18.09 -6.94
CA GLN E 93 -4.84 17.40 -5.95
C GLN E 93 -5.02 15.88 -5.96
N THR E 94 -6.24 15.44 -6.26
CA THR E 94 -6.54 14.01 -6.22
C THR E 94 -6.94 13.45 -7.58
N GLN E 95 -7.30 14.33 -8.52
CA GLN E 95 -7.76 13.88 -9.83
C GLN E 95 -7.00 14.53 -10.99
N LEU E 96 -6.89 13.80 -12.09
CA LEU E 96 -6.22 14.28 -13.30
C LEU E 96 -7.00 13.88 -14.55
N GLU E 97 -7.44 14.87 -15.32
CA GLU E 97 -8.08 14.60 -16.59
C GLU E 97 -7.13 14.82 -17.75
N PHE E 98 -6.80 13.74 -18.45
CA PHE E 98 -5.90 13.78 -19.59
C PHE E 98 -6.62 14.22 -20.86
N THR E 99 -5.84 14.49 -21.90
CA THR E 99 -6.39 14.83 -23.21
C THR E 99 -5.51 14.25 -24.30
N PHE E 100 -6.09 13.39 -25.13
CA PHE E 100 -5.35 12.71 -26.18
C PHE E 100 -5.76 13.21 -27.56
N ASP E 101 -4.95 14.09 -28.13
CA ASP E 101 -5.20 14.60 -29.48
C ASP E 101 -4.61 13.67 -30.52
N TYR E 102 -5.48 13.02 -31.29
CA TYR E 102 -5.05 12.08 -32.32
C TYR E 102 -4.72 12.81 -33.62
N ILE E 103 -3.43 12.98 -33.88
CA ILE E 103 -2.98 13.71 -35.06
C ILE E 103 -2.56 12.78 -36.20
N LYS E 104 -3.30 12.84 -37.30
CA LYS E 104 -2.96 12.07 -38.48
C LYS E 104 -1.86 12.77 -39.26
N LEU E 105 -0.63 12.26 -39.15
CA LEU E 105 0.51 12.86 -39.81
C LEU E 105 0.44 12.73 -41.32
N GLY E 106 0.25 13.86 -41.99
CA GLY E 106 0.19 13.89 -43.44
C GLY E 106 1.53 13.52 -44.06
N ASP E 107 1.50 13.21 -45.36
CA ASP E 107 2.69 12.77 -46.07
C ASP E 107 3.75 13.86 -46.21
N ASP E 108 3.33 15.11 -46.13
CA ASP E 108 4.22 16.24 -46.39
C ASP E 108 4.41 17.16 -45.19
N GLY E 109 4.21 16.63 -43.99
CA GLY E 109 4.38 17.41 -42.77
C GLY E 109 3.10 18.05 -42.29
N GLY E 110 2.10 18.10 -43.17
CA GLY E 110 0.79 18.62 -42.80
C GLY E 110 0.14 17.74 -41.76
N GLU E 111 -0.70 18.34 -40.92
CA GLU E 111 -1.34 17.60 -39.83
C GLU E 111 -2.86 17.70 -39.87
N THR E 112 -3.52 16.75 -39.21
CA THR E 112 -4.97 16.70 -39.18
C THR E 112 -5.46 16.06 -37.89
N LEU E 113 -6.45 16.67 -37.25
CA LEU E 113 -7.03 16.13 -36.04
C LEU E 113 -8.18 15.19 -36.37
N VAL E 114 -7.92 13.89 -36.27
CA VAL E 114 -8.92 12.89 -36.61
C VAL E 114 -9.75 12.45 -35.40
N ALA E 115 -9.18 12.62 -34.21
CA ALA E 115 -9.87 12.23 -32.99
C ALA E 115 -9.31 12.93 -31.75
N ARG E 116 -10.09 12.93 -30.67
CA ARG E 116 -9.66 13.53 -29.42
C ARG E 116 -10.34 12.84 -28.24
N GLY E 117 -9.52 12.36 -27.29
CA GLY E 117 -10.04 11.65 -26.14
C GLY E 117 -9.64 12.28 -24.82
N ARG E 118 -10.38 11.93 -23.77
CA ARG E 118 -10.08 12.41 -22.42
C ARG E 118 -10.21 11.27 -21.43
N GLN E 119 -9.24 11.15 -20.53
CA GLN E 119 -9.28 10.14 -19.49
C GLN E 119 -9.16 10.77 -18.11
N ARG E 120 -10.13 10.48 -17.24
CA ARG E 120 -10.13 11.03 -15.90
C ARG E 120 -9.72 9.97 -14.87
N ILE E 121 -8.65 10.26 -14.13
CA ILE E 121 -8.08 9.31 -13.18
C ILE E 121 -8.18 9.82 -11.75
N ALA E 122 -8.64 8.95 -10.85
CA ALA E 122 -8.67 9.25 -9.43
C ALA E 122 -7.69 8.37 -8.66
N CYS E 123 -6.85 8.99 -7.84
CA CYS E 123 -5.87 8.27 -7.04
C CYS E 123 -6.53 7.65 -5.81
N ARG E 125 -6.17 4.53 -2.45
CA ARG E 125 -5.29 3.70 -1.64
C ARG E 125 -5.96 2.42 -1.14
N GLY E 126 -5.15 1.39 -0.93
CA GLY E 126 -5.60 0.16 -0.31
C GLY E 126 -6.49 -0.70 -1.18
N PRO E 127 -7.13 -1.71 -0.57
CA PRO E 127 -8.01 -2.68 -1.25
C PRO E 127 -9.20 -1.99 -1.91
N ALA E 130 -12.50 -1.64 -1.05
CA ALA E 130 -12.88 -0.30 -0.60
C ALA E 130 -11.66 0.60 -0.51
N THR E 131 -11.63 1.62 -1.36
CA THR E 131 -10.50 2.56 -1.41
C THR E 131 -10.90 3.97 -1.02
N VAL E 132 -9.92 4.84 -0.89
CA VAL E 132 -10.14 6.24 -0.53
C VAL E 132 -9.22 7.15 -1.34
N PRO E 133 -9.71 8.36 -1.69
CA PRO E 133 -8.94 9.33 -2.49
C PRO E 133 -7.58 9.68 -1.89
N THR E 134 -6.64 10.13 -2.73
CA THR E 134 -5.28 10.39 -2.30
C THR E 134 -4.66 11.56 -3.06
N LEU E 135 -3.62 12.15 -2.47
CA LEU E 135 -2.82 13.14 -3.17
C LEU E 135 -2.03 12.44 -4.27
N ILE E 136 -1.71 13.17 -5.34
CA ILE E 136 -0.90 12.63 -6.42
C ILE E 136 0.52 12.38 -5.91
N PRO E 137 1.06 11.18 -6.18
CA PRO E 137 2.45 10.85 -5.84
C PRO E 137 3.42 11.92 -6.35
N GLU E 138 4.41 12.27 -5.54
CA GLU E 138 5.29 13.39 -5.82
C GLU E 138 5.98 13.31 -7.18
N ALA E 139 6.47 12.13 -7.53
CA ALA E 139 7.18 11.94 -8.79
C ALA E 139 6.29 12.13 -10.01
N LEU E 140 5.01 11.85 -9.86
CA LEU E 140 4.05 11.97 -10.96
C LEU E 140 3.81 13.44 -11.30
N ALA E 141 3.65 14.25 -10.26
CA ALA E 141 3.37 15.68 -10.43
C ALA E 141 4.50 16.41 -11.17
N GLU E 142 5.72 15.94 -11.01
CA GLU E 142 6.87 16.58 -11.65
C GLU E 142 6.90 16.30 -13.16
N ALA E 143 6.40 15.13 -13.54
CA ALA E 143 6.38 14.76 -14.95
C ALA E 143 5.31 15.52 -15.72
N LEU E 144 4.33 16.04 -14.99
CA LEU E 144 3.24 16.80 -15.60
C LEU E 144 3.58 18.29 -15.71
N ALA E 145 4.71 18.68 -15.12
CA ALA E 145 5.09 20.09 -15.03
C ALA E 145 5.14 20.88 -16.36
N PRO E 146 5.78 20.33 -17.41
CA PRO E 146 5.81 21.13 -18.64
C PRO E 146 4.45 21.30 -19.30
N TYR E 147 3.47 20.50 -18.88
CA TYR E 147 2.13 20.54 -19.47
C TYR E 147 1.20 21.45 -18.68
N SER E 148 1.41 21.47 -17.36
CA SER E 148 0.65 22.33 -16.45
C SER E 148 -0.87 22.20 -16.62
N PRO F 9 -38.60 -5.75 -21.16
CA PRO F 9 -38.47 -4.48 -20.44
C PRO F 9 -38.29 -3.32 -21.40
N ASP F 10 -37.72 -2.22 -20.91
CA ASP F 10 -37.45 -1.05 -21.75
C ASP F 10 -35.96 -0.92 -22.05
N TYR F 11 -35.23 -2.02 -21.88
CA TYR F 11 -33.81 -2.04 -22.21
C TYR F 11 -33.43 -3.37 -22.88
N PHE F 12 -32.48 -3.31 -23.80
CA PHE F 12 -31.95 -4.52 -24.42
C PHE F 12 -30.78 -5.05 -23.58
N GLU F 13 -30.88 -6.30 -23.15
CA GLU F 13 -29.92 -6.86 -22.20
C GLU F 13 -28.88 -7.78 -22.84
N LEU F 14 -27.63 -7.61 -22.43
CA LEU F 14 -26.57 -8.56 -22.77
C LEU F 14 -25.93 -9.10 -21.49
N ARG F 15 -26.13 -10.37 -21.20
CA ARG F 15 -25.49 -11.01 -20.06
C ARG F 15 -24.03 -11.29 -20.36
N HIS F 16 -23.16 -11.01 -19.39
CA HIS F 16 -21.74 -11.27 -19.53
C HIS F 16 -21.08 -11.63 -18.21
N THR F 17 -20.51 -12.82 -18.14
CA THR F 17 -19.73 -13.23 -16.98
C THR F 17 -18.29 -12.76 -17.18
N VAL F 18 -17.81 -11.93 -16.26
CA VAL F 18 -16.48 -11.33 -16.39
C VAL F 18 -15.38 -12.38 -16.49
N GLY F 19 -14.66 -12.35 -17.61
CA GLY F 19 -13.62 -13.33 -17.88
C GLY F 19 -12.44 -13.22 -16.94
N PHE F 20 -11.77 -14.35 -16.75
CA PHE F 20 -10.58 -14.42 -15.90
C PHE F 20 -9.42 -13.67 -16.54
N GLU F 21 -9.40 -13.65 -17.86
CA GLU F 21 -8.33 -12.97 -18.60
C GLU F 21 -8.66 -11.51 -18.86
N GLU F 22 -9.81 -11.07 -18.37
CA GLU F 22 -10.23 -9.68 -18.55
C GLU F 22 -9.93 -8.81 -17.33
N THR F 23 -9.45 -9.44 -16.26
CA THR F 23 -9.02 -8.72 -15.06
C THR F 23 -7.51 -8.53 -15.14
N ASN F 24 -7.02 -7.42 -14.59
CA ASN F 24 -5.59 -7.14 -14.65
C ASN F 24 -4.80 -7.59 -13.42
N LEU F 25 -3.66 -6.94 -13.21
CA LEU F 25 -2.71 -7.34 -12.16
C LEU F 25 -3.29 -7.21 -10.76
N VAL F 26 -4.08 -6.16 -10.52
CA VAL F 26 -4.62 -5.92 -9.19
C VAL F 26 -6.02 -6.50 -9.00
N GLY F 27 -6.49 -7.26 -9.99
CA GLY F 27 -7.75 -7.97 -9.87
C GLY F 27 -8.97 -7.20 -10.35
N ASN F 28 -8.75 -6.14 -11.12
CA ASN F 28 -9.87 -5.39 -11.68
C ASN F 28 -9.90 -5.36 -13.21
N VAL F 29 -11.07 -5.07 -13.78
CA VAL F 29 -11.26 -5.12 -15.22
C VAL F 29 -10.66 -3.91 -15.93
N TYR F 30 -9.87 -4.18 -16.97
CA TYR F 30 -9.36 -3.13 -17.84
C TYR F 30 -10.54 -2.39 -18.44
N TYR F 31 -10.50 -1.06 -18.35
CA TYR F 31 -11.64 -0.24 -18.78
C TYR F 31 -11.95 -0.41 -20.26
N VAL F 32 -10.95 -0.81 -21.04
CA VAL F 32 -11.13 -1.07 -22.47
C VAL F 32 -12.14 -2.19 -22.69
N ASN F 33 -12.07 -3.22 -21.85
CA ASN F 33 -12.99 -4.36 -21.96
C ASN F 33 -14.46 -3.97 -21.83
N TYR F 34 -14.74 -2.93 -21.06
CA TYR F 34 -16.09 -2.41 -20.92
C TYR F 34 -16.66 -1.99 -22.26
N LEU F 35 -15.83 -1.33 -23.06
CA LEU F 35 -16.27 -0.83 -24.36
C LEU F 35 -16.32 -1.94 -25.41
N ARG F 36 -15.54 -3.00 -25.19
CA ARG F 36 -15.62 -4.19 -26.02
C ARG F 36 -16.98 -4.85 -25.83
N TRP F 37 -17.54 -4.68 -24.63
CA TRP F 37 -18.85 -5.23 -24.30
C TRP F 37 -19.96 -4.35 -24.86
N GLN F 38 -19.66 -3.07 -25.06
CA GLN F 38 -20.62 -2.15 -25.67
C GLN F 38 -20.91 -2.55 -27.12
N GLY F 39 -19.84 -2.72 -27.89
CA GLY F 39 -19.97 -3.15 -29.27
C GLY F 39 -20.54 -4.57 -29.36
N ARG F 40 -20.25 -5.37 -28.34
CA ARG F 40 -20.75 -6.73 -28.27
C ARG F 40 -22.23 -6.73 -27.90
N CYS F 41 -22.71 -5.60 -27.41
CA CYS F 41 -24.11 -5.45 -27.04
C CYS F 41 -24.91 -4.84 -28.18
N ARG F 42 -24.29 -3.90 -28.88
CA ARG F 42 -24.91 -3.25 -30.01
C ARG F 42 -25.03 -4.20 -31.20
N GLU F 43 -23.96 -4.94 -31.46
CA GLU F 43 -23.92 -5.84 -32.61
C GLU F 43 -24.91 -6.99 -32.45
N LEU F 44 -25.08 -7.46 -31.22
CA LEU F 44 -26.03 -8.53 -30.95
C LEU F 44 -27.46 -8.04 -31.17
N PHE F 45 -27.70 -6.78 -30.84
CA PHE F 45 -29.00 -6.15 -31.05
C PHE F 45 -29.35 -6.12 -32.54
N LEU F 46 -28.34 -5.92 -33.37
CA LEU F 46 -28.53 -5.89 -34.82
C LEU F 46 -28.71 -7.31 -35.35
N LYS F 47 -28.06 -8.27 -34.69
CA LYS F 47 -28.17 -9.67 -35.08
C LYS F 47 -29.58 -10.20 -34.78
N GLU F 48 -30.20 -9.69 -33.73
CA GLU F 48 -31.49 -10.18 -33.29
C GLU F 48 -32.67 -9.32 -33.73
N ARG F 49 -32.86 -8.19 -33.06
CA ARG F 49 -34.05 -7.37 -33.24
C ARG F 49 -34.17 -6.72 -34.62
N ALA F 50 -33.04 -6.49 -35.29
CA ALA F 50 -33.07 -5.88 -36.61
C ALA F 50 -32.03 -6.47 -37.56
N PRO F 51 -32.28 -7.70 -38.03
CA PRO F 51 -31.34 -8.42 -38.89
C PRO F 51 -31.17 -7.75 -40.27
N SER F 52 -32.18 -6.96 -40.66
CA SER F 52 -32.17 -6.30 -41.95
C SER F 52 -31.06 -5.26 -42.09
N VAL F 53 -30.62 -4.69 -40.97
CA VAL F 53 -29.62 -3.63 -40.98
C VAL F 53 -28.26 -4.15 -41.43
N LEU F 54 -27.77 -5.18 -40.75
CA LEU F 54 -26.45 -5.77 -41.03
C LEU F 54 -26.19 -6.08 -42.51
N ALA F 55 -27.21 -6.56 -43.20
CA ALA F 55 -27.08 -6.88 -44.61
C ALA F 55 -26.94 -5.61 -45.46
N GLU F 56 -27.64 -4.56 -45.05
CA GLU F 56 -27.57 -3.28 -45.74
C GLU F 56 -26.23 -2.60 -45.46
N VAL F 57 -25.65 -2.89 -44.29
CA VAL F 57 -24.32 -2.38 -43.99
C VAL F 57 -23.31 -2.99 -44.98
N GLN F 58 -23.53 -4.24 -45.36
CA GLN F 58 -22.70 -4.89 -46.39
C GLN F 58 -22.92 -4.25 -47.76
N GLU F 59 -24.11 -3.69 -47.94
CA GLU F 59 -24.45 -3.01 -49.19
C GLU F 59 -23.81 -1.64 -49.28
N ASP F 60 -24.48 -0.64 -48.69
CA ASP F 60 -24.06 0.74 -48.82
C ASP F 60 -24.14 1.51 -47.50
N LEU F 61 -24.84 0.93 -46.53
CA LEU F 61 -25.00 1.57 -45.23
C LEU F 61 -23.70 1.55 -44.43
N LYS F 62 -23.40 2.65 -43.75
CA LYS F 62 -22.18 2.74 -42.96
C LYS F 62 -22.46 3.41 -41.61
N LEU F 63 -22.22 2.68 -40.52
CA LEU F 63 -22.44 3.19 -39.18
C LEU F 63 -21.17 3.82 -38.63
N PHE F 64 -21.17 5.15 -38.53
CA PHE F 64 -19.99 5.87 -38.09
C PHE F 64 -20.15 6.40 -36.66
N THR F 65 -19.42 5.80 -35.73
CA THR F 65 -19.45 6.22 -34.34
C THR F 65 -18.69 7.53 -34.16
N LEU F 66 -19.39 8.57 -33.73
CA LEU F 66 -18.78 9.89 -33.56
C LEU F 66 -18.16 10.05 -32.18
N LYS F 67 -18.88 9.62 -31.14
CA LYS F 67 -18.41 9.74 -29.78
C LYS F 67 -18.79 8.54 -28.93
N VAL F 68 -17.84 8.05 -28.15
CA VAL F 68 -18.09 6.96 -27.22
C VAL F 68 -17.47 7.28 -25.86
N ASP F 69 -18.22 7.05 -24.79
CA ASP F 69 -17.72 7.30 -23.44
C ASP F 69 -18.09 6.18 -22.49
N CYS F 70 -17.52 6.24 -21.28
CA CYS F 70 -17.85 5.28 -20.24
C CYS F 70 -17.49 5.85 -18.88
N GLU F 71 -18.44 5.78 -17.94
CA GLU F 71 -18.23 6.32 -16.61
C GLU F 71 -18.26 5.19 -15.58
N PHE F 72 -17.22 5.12 -14.74
CA PHE F 72 -17.05 4.01 -13.81
C PHE F 72 -17.30 4.44 -12.37
N PHE F 73 -18.16 3.70 -11.68
CA PHE F 73 -18.52 4.04 -10.31
C PHE F 73 -17.92 3.04 -9.32
N ALA F 74 -18.29 1.77 -9.46
CA ALA F 74 -17.71 0.71 -8.64
C ALA F 74 -16.59 0.02 -9.40
N GLU F 75 -16.00 -1.00 -8.77
CA GLU F 75 -14.92 -1.75 -9.40
C GLU F 75 -15.17 -3.25 -9.27
N ILE F 76 -15.33 -3.91 -10.41
CA ILE F 76 -15.69 -5.31 -10.44
C ILE F 76 -14.47 -6.22 -10.69
N THR F 77 -14.69 -7.52 -10.56
CA THR F 77 -13.63 -8.49 -10.79
C THR F 77 -14.14 -9.70 -11.58
N ALA F 78 -13.31 -10.73 -11.67
CA ALA F 78 -13.63 -11.90 -12.46
C ALA F 78 -14.79 -12.72 -11.90
N PHE F 79 -15.44 -13.49 -12.77
CA PHE F 79 -16.53 -14.38 -12.41
C PHE F 79 -17.75 -13.66 -11.82
N ASP F 80 -17.83 -12.36 -12.06
CA ASP F 80 -18.99 -11.58 -11.65
C ASP F 80 -19.96 -11.48 -12.82
N GLU F 81 -21.22 -11.81 -12.56
CA GLU F 81 -22.24 -11.75 -13.61
C GLU F 81 -22.72 -10.33 -13.84
N LEU F 82 -22.52 -9.83 -15.05
CA LEU F 82 -22.94 -8.48 -15.42
C LEU F 82 -24.21 -8.50 -16.27
N SER F 83 -24.97 -7.43 -16.17
CA SER F 83 -26.15 -7.25 -17.01
C SER F 83 -26.04 -5.93 -17.76
N ILE F 84 -25.43 -5.97 -18.94
CA ILE F 84 -25.28 -4.79 -19.77
C ILE F 84 -26.62 -4.41 -20.37
N ARG F 85 -27.16 -3.27 -19.95
CA ARG F 85 -28.49 -2.84 -20.39
C ARG F 85 -28.42 -1.62 -21.29
N ARG F 87 -30.08 1.26 -23.74
CA ARG F 87 -31.29 2.05 -23.98
C ARG F 87 -31.02 3.15 -25.01
N LEU F 88 -32.08 3.60 -25.66
CA LEU F 88 -31.98 4.69 -26.62
C LEU F 88 -32.13 6.03 -25.91
N SER F 89 -31.12 6.89 -26.05
CA SER F 89 -31.12 8.17 -25.36
C SER F 89 -31.57 9.31 -26.27
N GLU F 90 -31.12 9.27 -27.51
CA GLU F 90 -31.42 10.32 -28.47
C GLU F 90 -31.80 9.72 -29.82
N LEU F 91 -32.77 10.35 -30.49
CA LEU F 91 -33.19 9.91 -31.81
C LEU F 91 -33.44 11.11 -32.72
N ARG F 92 -32.56 11.29 -33.69
CA ARG F 92 -32.74 12.36 -34.67
C ARG F 92 -33.00 11.77 -36.05
N GLN F 93 -32.83 12.60 -37.08
CA GLN F 93 -33.08 12.17 -38.44
C GLN F 93 -31.94 11.31 -38.96
N THR F 94 -30.72 11.66 -38.57
CA THR F 94 -29.53 10.99 -39.09
C THR F 94 -28.70 10.29 -38.02
N GLN F 95 -28.87 10.71 -36.77
CA GLN F 95 -28.05 10.18 -35.68
C GLN F 95 -28.88 9.65 -34.52
N LEU F 96 -28.22 8.89 -33.64
CA LEU F 96 -28.86 8.38 -32.43
C LEU F 96 -27.82 8.15 -31.32
N GLU F 97 -28.29 8.07 -30.08
CA GLU F 97 -27.40 7.87 -28.95
C GLU F 97 -27.88 6.73 -28.05
N PHE F 98 -26.98 5.81 -27.75
CA PHE F 98 -27.29 4.71 -26.84
C PHE F 98 -26.74 5.00 -25.45
N THR F 99 -27.30 4.33 -24.45
CA THR F 99 -26.78 4.40 -23.08
C THR F 99 -26.70 3.02 -22.49
N PHE F 100 -25.50 2.62 -22.08
CA PHE F 100 -25.28 1.26 -21.57
C PHE F 100 -25.17 1.24 -20.06
N ASP F 101 -26.16 0.63 -19.42
CA ASP F 101 -26.17 0.50 -17.96
C ASP F 101 -25.54 -0.82 -17.54
N TYR F 102 -24.36 -0.73 -16.93
CA TYR F 102 -23.65 -1.91 -16.45
C TYR F 102 -24.12 -2.27 -15.05
N ILE F 103 -25.10 -3.18 -14.96
CA ILE F 103 -25.59 -3.64 -13.67
C ILE F 103 -24.91 -4.93 -13.26
N LYS F 104 -24.25 -4.91 -12.11
CA LYS F 104 -23.65 -6.11 -11.55
C LYS F 104 -24.68 -6.85 -10.71
N LEU F 105 -24.91 -8.12 -11.05
CA LEU F 105 -25.89 -8.93 -10.33
C LEU F 105 -25.27 -9.47 -9.04
N GLY F 106 -25.66 -8.87 -7.92
CA GLY F 106 -25.15 -9.27 -6.63
C GLY F 106 -25.56 -10.69 -6.27
N ASP F 107 -24.74 -11.34 -5.45
CA ASP F 107 -25.00 -12.71 -5.04
C ASP F 107 -26.17 -12.79 -4.06
N ASP F 108 -26.57 -11.63 -3.53
CA ASP F 108 -27.71 -11.56 -2.63
C ASP F 108 -28.99 -11.20 -3.38
N GLY F 109 -28.88 -11.10 -4.71
CA GLY F 109 -30.02 -10.80 -5.56
C GLY F 109 -30.12 -9.33 -5.94
N GLY F 110 -29.39 -8.48 -5.22
CA GLY F 110 -29.43 -7.05 -5.45
C GLY F 110 -28.75 -6.64 -6.75
N GLU F 111 -28.99 -5.40 -7.18
CA GLU F 111 -28.38 -4.88 -8.39
C GLU F 111 -27.55 -3.63 -8.10
N THR F 112 -26.44 -3.49 -8.79
CA THR F 112 -25.53 -2.37 -8.57
C THR F 112 -25.07 -1.75 -9.89
N LEU F 113 -25.21 -0.43 -10.00
CA LEU F 113 -24.72 0.29 -11.16
C LEU F 113 -23.23 0.53 -11.03
N VAL F 114 -22.44 -0.36 -11.64
CA VAL F 114 -20.98 -0.28 -11.52
C VAL F 114 -20.35 0.58 -12.60
N ALA F 115 -21.06 0.76 -13.71
CA ALA F 115 -20.57 1.57 -14.82
C ALA F 115 -21.69 2.04 -15.74
N ARG F 116 -21.41 3.08 -16.51
CA ARG F 116 -22.39 3.63 -17.45
C ARG F 116 -21.70 4.36 -18.59
N GLY F 117 -21.98 3.94 -19.82
CA GLY F 117 -21.38 4.54 -20.99
C GLY F 117 -22.39 4.83 -22.09
N ARG F 118 -22.06 5.79 -22.94
CA ARG F 118 -22.93 6.14 -24.05
C ARG F 118 -22.19 5.96 -25.38
N GLN F 119 -22.94 6.01 -26.48
CA GLN F 119 -22.35 5.88 -27.80
C GLN F 119 -23.21 6.60 -28.84
N ARG F 120 -22.57 7.47 -29.62
CA ARG F 120 -23.28 8.21 -30.65
C ARG F 120 -22.86 7.78 -32.05
N ILE F 121 -23.84 7.37 -32.86
CA ILE F 121 -23.58 6.87 -34.20
C ILE F 121 -24.32 7.69 -35.25
N ALA F 122 -23.67 7.90 -36.40
CA ALA F 122 -24.28 8.62 -37.51
C ALA F 122 -24.49 7.69 -38.70
N CYS F 123 -25.72 7.63 -39.20
CA CYS F 123 -26.03 6.80 -40.36
C CYS F 123 -25.49 7.46 -41.64
N ARG F 125 -24.45 7.01 -46.03
CA ARG F 125 -24.91 6.38 -47.26
C ARG F 125 -23.89 6.54 -48.40
N GLY F 126 -23.71 5.48 -49.18
CA GLY F 126 -22.78 5.50 -50.30
C GLY F 126 -21.89 4.27 -50.38
N PRO F 127 -21.19 4.11 -51.52
CA PRO F 127 -20.25 2.99 -51.75
C PRO F 127 -19.02 3.03 -50.84
N ASN F 128 -17.90 3.56 -51.34
CA ASN F 128 -16.62 3.48 -50.62
C ASN F 128 -16.28 4.63 -49.67
N THR F 129 -16.20 5.84 -50.20
CA THR F 129 -15.85 7.01 -49.41
C THR F 129 -16.92 8.09 -49.59
N ALA F 130 -18.05 7.69 -50.15
CA ALA F 130 -19.17 8.60 -50.28
C ALA F 130 -19.73 8.86 -48.88
N THR F 131 -19.19 9.89 -48.25
CA THR F 131 -19.54 10.25 -46.89
C THR F 131 -20.74 11.20 -46.83
N VAL F 132 -21.92 10.68 -47.12
CA VAL F 132 -23.14 11.46 -47.03
C VAL F 132 -24.06 10.86 -45.97
N PRO F 133 -24.71 11.71 -45.16
CA PRO F 133 -25.58 11.21 -44.08
C PRO F 133 -26.98 10.83 -44.58
N THR F 134 -27.35 9.56 -44.41
CA THR F 134 -28.70 9.10 -44.74
C THR F 134 -29.60 9.18 -43.51
N LEU F 135 -30.91 9.13 -43.74
CA LEU F 135 -31.85 9.08 -42.62
C LEU F 135 -31.88 7.67 -42.02
N ILE F 136 -32.10 7.59 -40.71
CA ILE F 136 -32.14 6.32 -40.01
C ILE F 136 -33.21 5.39 -40.61
N PRO F 137 -32.78 4.19 -41.03
CA PRO F 137 -33.67 3.20 -41.65
C PRO F 137 -34.84 2.82 -40.75
N GLU F 138 -35.94 2.42 -41.37
CA GLU F 138 -37.17 2.10 -40.63
C GLU F 138 -37.01 0.86 -39.77
N ALA F 139 -36.42 -0.19 -40.33
CA ALA F 139 -36.20 -1.45 -39.63
C ALA F 139 -35.45 -1.25 -38.32
N LEU F 140 -34.51 -0.31 -38.32
CA LEU F 140 -33.78 0.04 -37.11
C LEU F 140 -34.67 0.88 -36.19
N ALA F 141 -35.26 1.93 -36.74
CA ALA F 141 -36.08 2.86 -35.97
C ALA F 141 -37.32 2.19 -35.39
N GLU F 142 -37.89 1.25 -36.13
CA GLU F 142 -39.09 0.54 -35.67
C GLU F 142 -38.75 -0.43 -34.55
N ALA F 143 -37.53 -0.95 -34.56
CA ALA F 143 -37.08 -1.91 -33.56
C ALA F 143 -36.51 -1.20 -32.33
N LEU F 144 -36.32 0.11 -32.42
CA LEU F 144 -35.83 0.89 -31.30
C LEU F 144 -36.99 1.43 -30.45
N ALA F 145 -38.20 1.31 -30.97
CA ALA F 145 -39.39 1.83 -30.30
C ALA F 145 -39.60 1.38 -28.84
N PRO F 146 -39.48 0.07 -28.55
CA PRO F 146 -39.75 -0.33 -27.16
C PRO F 146 -38.69 0.19 -26.17
N TYR F 147 -37.50 0.50 -26.65
CA TYR F 147 -36.44 0.99 -25.79
C TYR F 147 -36.18 2.48 -26.01
N SER F 148 -37.11 3.16 -26.68
CA SER F 148 -36.93 4.55 -27.06
C SER F 148 -37.02 5.52 -25.88
N ASP F 149 -38.14 5.50 -25.19
CA ASP F 149 -38.38 6.42 -24.08
C ASP F 149 -38.26 5.72 -22.72
N ARG F 150 -38.12 6.51 -21.66
CA ARG F 150 -38.02 6.00 -20.30
C ARG F 150 -39.26 5.21 -19.92
N ASN G 8 -23.86 -38.85 -27.71
CA ASN G 8 -24.17 -37.63 -28.47
C ASN G 8 -24.28 -36.41 -27.56
N PRO G 9 -23.51 -35.35 -27.87
CA PRO G 9 -22.58 -35.32 -29.01
C PRO G 9 -21.17 -35.74 -28.61
N ASP G 10 -20.22 -35.62 -29.52
CA ASP G 10 -18.83 -35.98 -29.25
C ASP G 10 -18.01 -34.73 -28.94
N TYR G 11 -18.63 -33.56 -29.09
CA TYR G 11 -17.93 -32.29 -28.91
C TYR G 11 -18.72 -31.30 -28.06
N PHE G 12 -17.99 -30.39 -27.40
CA PHE G 12 -18.61 -29.25 -26.75
C PHE G 12 -18.58 -28.07 -27.71
N GLU G 13 -19.74 -27.44 -27.93
CA GLU G 13 -19.87 -26.43 -28.98
C GLU G 13 -20.07 -25.01 -28.44
N LEU G 14 -19.41 -24.06 -29.08
CA LEU G 14 -19.65 -22.64 -28.83
C LEU G 14 -20.02 -21.95 -30.14
N ARG G 15 -21.29 -21.58 -30.28
CA ARG G 15 -21.74 -20.85 -31.45
C ARG G 15 -21.18 -19.43 -31.44
N HIS G 16 -20.65 -18.99 -32.57
CA HIS G 16 -20.12 -17.65 -32.68
C HIS G 16 -20.26 -17.09 -34.09
N THR G 17 -20.76 -15.86 -34.18
CA THR G 17 -20.88 -15.16 -35.45
C THR G 17 -19.72 -14.18 -35.60
N VAL G 18 -19.02 -14.28 -36.73
CA VAL G 18 -17.88 -13.41 -36.99
C VAL G 18 -18.32 -11.94 -37.06
N GLY G 19 -17.74 -11.12 -36.20
CA GLY G 19 -18.14 -9.74 -36.08
C GLY G 19 -17.64 -8.82 -37.18
N PHE G 20 -18.25 -7.65 -37.28
CA PHE G 20 -17.87 -6.64 -38.26
C PHE G 20 -16.50 -6.07 -37.92
N GLU G 21 -16.17 -6.08 -36.63
CA GLU G 21 -14.91 -5.52 -36.15
C GLU G 21 -13.84 -6.60 -35.98
N GLU G 22 -14.21 -7.85 -36.27
CA GLU G 22 -13.27 -8.96 -36.17
C GLU G 22 -12.64 -9.28 -37.52
N THR G 23 -13.19 -8.69 -38.58
CA THR G 23 -12.62 -8.83 -39.92
C THR G 23 -11.70 -7.65 -40.22
N ASN G 24 -10.68 -7.88 -41.03
CA ASN G 24 -9.72 -6.81 -41.34
C ASN G 24 -9.98 -6.07 -42.65
N LEU G 25 -8.94 -5.44 -43.18
CA LEU G 25 -9.06 -4.56 -44.35
C LEU G 25 -9.51 -5.29 -45.62
N VAL G 26 -9.01 -6.51 -45.82
CA VAL G 26 -9.33 -7.26 -47.02
C VAL G 26 -10.50 -8.22 -46.76
N GLY G 27 -10.92 -8.30 -45.51
CA GLY G 27 -12.05 -9.13 -45.15
C GLY G 27 -11.66 -10.41 -44.44
N ASN G 28 -10.35 -10.62 -44.30
CA ASN G 28 -9.85 -11.78 -43.58
C ASN G 28 -10.09 -11.62 -42.09
N VAL G 29 -9.83 -12.69 -41.33
CA VAL G 29 -9.93 -12.64 -39.88
C VAL G 29 -8.56 -12.85 -39.25
N TYR G 30 -8.18 -11.92 -38.37
CA TYR G 30 -6.91 -12.00 -37.65
C TYR G 30 -6.82 -13.34 -36.92
N TYR G 31 -5.70 -14.02 -37.08
CA TYR G 31 -5.51 -15.34 -36.46
C TYR G 31 -5.57 -15.27 -34.93
N VAL G 32 -5.34 -14.08 -34.39
CA VAL G 32 -5.44 -13.85 -32.96
C VAL G 32 -6.89 -14.01 -32.50
N ASN G 33 -7.82 -13.56 -33.33
CA ASN G 33 -9.25 -13.68 -33.03
C ASN G 33 -9.70 -15.13 -32.90
N TYR G 34 -9.09 -16.02 -33.67
CA TYR G 34 -9.39 -17.44 -33.60
C TYR G 34 -9.12 -17.99 -32.20
N LEU G 35 -8.03 -17.51 -31.60
CA LEU G 35 -7.62 -18.00 -30.28
C LEU G 35 -8.36 -17.30 -29.15
N ARG G 36 -8.96 -16.14 -29.46
CA ARG G 36 -9.82 -15.46 -28.50
C ARG G 36 -11.11 -16.25 -28.35
N TRP G 37 -11.67 -16.66 -29.49
CA TRP G 37 -12.88 -17.49 -29.52
C TRP G 37 -12.58 -18.82 -28.84
N GLN G 38 -11.36 -19.28 -29.01
CA GLN G 38 -10.92 -20.56 -28.46
C GLN G 38 -10.91 -20.54 -26.93
N GLY G 39 -10.62 -19.38 -26.35
CA GLY G 39 -10.59 -19.24 -24.91
C GLY G 39 -11.99 -19.13 -24.32
N ARG G 40 -12.92 -18.57 -25.09
CA ARG G 40 -14.29 -18.42 -24.64
C ARG G 40 -15.01 -19.77 -24.59
N CYS G 41 -14.62 -20.66 -25.49
CA CYS G 41 -15.17 -22.01 -25.53
C CYS G 41 -14.69 -22.82 -24.33
N ARG G 42 -13.45 -22.58 -23.93
CA ARG G 42 -12.86 -23.28 -22.80
C ARG G 42 -13.53 -22.85 -21.49
N GLU G 43 -13.71 -21.53 -21.34
CA GLU G 43 -14.32 -20.97 -20.16
C GLU G 43 -15.81 -21.31 -20.06
N LEU G 44 -16.48 -21.40 -21.20
CA LEU G 44 -17.89 -21.75 -21.22
C LEU G 44 -18.07 -23.20 -20.79
N PHE G 45 -17.09 -24.04 -21.13
CA PHE G 45 -17.09 -25.43 -20.71
C PHE G 45 -16.92 -25.52 -19.19
N LEU G 46 -16.08 -24.65 -18.66
CA LEU G 46 -15.84 -24.59 -17.22
C LEU G 46 -17.02 -23.96 -16.50
N LYS G 47 -17.62 -22.96 -17.13
CA LYS G 47 -18.77 -22.27 -16.55
C LYS G 47 -19.99 -23.17 -16.47
N GLU G 48 -20.21 -23.96 -17.51
CA GLU G 48 -21.41 -24.79 -17.61
C GLU G 48 -21.22 -26.22 -17.08
N ARG G 49 -20.17 -26.89 -17.52
CA ARG G 49 -19.98 -28.31 -17.20
C ARG G 49 -19.28 -28.58 -15.86
N ALA G 50 -18.23 -27.81 -15.56
CA ALA G 50 -17.48 -28.02 -14.33
C ALA G 50 -17.17 -26.71 -13.62
N PRO G 51 -18.18 -26.11 -12.98
CA PRO G 51 -18.01 -24.81 -12.30
C PRO G 51 -17.19 -24.95 -11.01
N SER G 52 -17.02 -26.18 -10.54
CA SER G 52 -16.28 -26.43 -9.31
C SER G 52 -14.81 -26.08 -9.45
N VAL G 53 -14.22 -26.44 -10.59
CA VAL G 53 -12.81 -26.18 -10.83
C VAL G 53 -12.56 -24.70 -11.11
N LEU G 54 -13.62 -23.99 -11.49
CA LEU G 54 -13.52 -22.58 -11.82
C LEU G 54 -13.46 -21.74 -10.54
N ALA G 55 -14.13 -22.23 -9.50
CA ALA G 55 -14.11 -21.58 -8.20
C ALA G 55 -12.82 -21.94 -7.48
N GLU G 56 -12.24 -23.08 -7.86
CA GLU G 56 -10.97 -23.54 -7.30
C GLU G 56 -9.82 -22.70 -7.83
N VAL G 57 -9.99 -22.16 -9.05
CA VAL G 57 -9.02 -21.24 -9.63
C VAL G 57 -8.92 -19.99 -8.75
N GLN G 58 -10.06 -19.55 -8.23
CA GLN G 58 -10.09 -18.42 -7.30
C GLN G 58 -9.37 -18.78 -5.99
N GLU G 59 -9.43 -20.05 -5.61
CA GLU G 59 -8.84 -20.50 -4.35
C GLU G 59 -7.32 -20.58 -4.41
N ASP G 60 -6.78 -21.47 -5.23
CA ASP G 60 -5.32 -21.59 -5.38
C ASP G 60 -4.90 -22.29 -6.67
N LEU G 61 -5.84 -22.92 -7.36
CA LEU G 61 -5.52 -23.67 -8.58
C LEU G 61 -5.12 -22.76 -9.73
N LYS G 62 -4.10 -23.18 -10.49
CA LYS G 62 -3.66 -22.44 -11.65
C LYS G 62 -3.72 -23.29 -12.91
N LEU G 63 -4.35 -22.76 -13.96
CA LEU G 63 -4.39 -23.43 -15.25
C LEU G 63 -3.36 -22.79 -16.18
N PHE G 64 -2.18 -23.39 -16.25
CA PHE G 64 -1.09 -22.85 -17.06
C PHE G 64 -1.06 -23.45 -18.46
N THR G 65 -1.09 -22.58 -19.46
CA THR G 65 -1.07 -23.02 -20.86
C THR G 65 0.35 -23.36 -21.31
N LEU G 66 0.59 -24.65 -21.55
CA LEU G 66 1.90 -25.10 -22.01
C LEU G 66 2.15 -24.70 -23.46
N LYS G 67 1.24 -25.09 -24.34
CA LYS G 67 1.38 -24.83 -25.76
C LYS G 67 0.03 -24.54 -26.40
N VAL G 68 0.03 -23.72 -27.44
CA VAL G 68 -1.19 -23.40 -28.17
C VAL G 68 -0.87 -23.22 -29.65
N ASP G 69 -1.82 -23.62 -30.50
CA ASP G 69 -1.62 -23.51 -31.94
C ASP G 69 -2.95 -23.46 -32.68
N CYS G 70 -2.89 -23.17 -33.98
CA CYS G 70 -4.07 -23.18 -34.83
C CYS G 70 -3.67 -23.23 -36.30
N GLU G 71 -4.20 -24.20 -37.02
CA GLU G 71 -3.93 -24.33 -38.45
C GLU G 71 -5.13 -23.84 -39.24
N PHE G 72 -4.87 -23.20 -40.37
CA PHE G 72 -5.94 -22.58 -41.16
C PHE G 72 -6.02 -23.15 -42.57
N PHE G 73 -7.21 -23.56 -42.97
CA PHE G 73 -7.41 -24.23 -44.25
C PHE G 73 -8.13 -23.33 -45.25
N ALA G 74 -9.17 -22.67 -44.79
CA ALA G 74 -9.90 -21.71 -45.61
C ALA G 74 -10.12 -20.42 -44.83
N GLU G 75 -10.33 -19.33 -45.55
CA GLU G 75 -10.53 -18.02 -44.90
C GLU G 75 -12.02 -17.70 -44.76
N ILE G 76 -12.35 -16.95 -43.72
CA ILE G 76 -13.74 -16.59 -43.45
C ILE G 76 -13.93 -15.06 -43.45
N THR G 77 -15.18 -14.64 -43.50
CA THR G 77 -15.50 -13.22 -43.50
C THR G 77 -16.52 -12.90 -42.40
N ALA G 78 -17.01 -11.67 -42.38
CA ALA G 78 -17.96 -11.25 -41.35
C ALA G 78 -19.31 -11.95 -41.49
N PHE G 79 -20.02 -12.05 -40.36
CA PHE G 79 -21.35 -12.63 -40.30
C PHE G 79 -21.43 -14.11 -40.67
N ASP G 80 -20.27 -14.75 -40.78
CA ASP G 80 -20.22 -16.20 -40.99
C ASP G 80 -20.50 -16.94 -39.69
N GLU G 81 -21.36 -17.96 -39.77
CA GLU G 81 -21.71 -18.75 -38.60
C GLU G 81 -20.67 -19.85 -38.35
N LEU G 82 -20.12 -19.85 -37.14
CA LEU G 82 -19.08 -20.80 -36.77
C LEU G 82 -19.54 -21.76 -35.67
N SER G 83 -19.20 -23.03 -35.85
CA SER G 83 -19.45 -24.05 -34.83
C SER G 83 -18.11 -24.49 -34.25
N ILE G 84 -17.67 -23.79 -33.21
CA ILE G 84 -16.39 -24.11 -32.58
C ILE G 84 -16.55 -25.28 -31.62
N ARG G 85 -16.07 -26.45 -32.04
CA ARG G 85 -16.30 -27.69 -31.31
C ARG G 85 -15.05 -28.15 -30.56
N ARG G 87 -12.89 -30.88 -28.20
CA ARG G 87 -12.70 -32.28 -27.86
C ARG G 87 -11.43 -32.46 -27.04
N LEU G 88 -11.36 -33.57 -26.30
CA LEU G 88 -10.18 -33.88 -25.50
C LEU G 88 -9.27 -34.84 -26.26
N SER G 89 -8.15 -34.32 -26.76
CA SER G 89 -7.23 -35.11 -27.55
C SER G 89 -6.43 -36.09 -26.71
N GLU G 90 -5.86 -35.60 -25.60
CA GLU G 90 -5.13 -36.47 -24.69
C GLU G 90 -5.33 -36.06 -23.23
N LEU G 91 -5.33 -37.06 -22.35
CA LEU G 91 -5.50 -36.80 -20.92
C LEU G 91 -4.32 -37.38 -20.14
N ARG G 92 -3.41 -36.50 -19.73
CA ARG G 92 -2.22 -36.92 -19.01
C ARG G 92 -2.54 -37.02 -17.51
N GLN G 93 -1.55 -37.46 -16.73
CA GLN G 93 -1.74 -37.61 -15.30
C GLN G 93 -1.87 -36.28 -14.57
N THR G 94 -1.17 -35.26 -15.06
CA THR G 94 -1.19 -33.95 -14.43
C THR G 94 -1.49 -32.84 -15.44
N GLN G 95 -1.57 -33.22 -16.72
CA GLN G 95 -1.81 -32.26 -17.78
C GLN G 95 -2.94 -32.73 -18.71
N LEU G 96 -3.31 -31.87 -19.65
CA LEU G 96 -4.33 -32.21 -20.64
C LEU G 96 -4.22 -31.35 -21.89
N GLU G 97 -4.90 -31.75 -22.96
CA GLU G 97 -4.84 -31.04 -24.22
C GLU G 97 -6.20 -31.02 -24.90
N PHE G 98 -6.63 -29.83 -25.31
CA PHE G 98 -7.89 -29.68 -26.04
C PHE G 98 -7.65 -29.58 -27.53
N THR G 99 -8.66 -29.96 -28.31
CA THR G 99 -8.62 -29.79 -29.76
C THR G 99 -9.89 -29.10 -30.23
N PHE G 100 -9.72 -27.99 -30.94
CA PHE G 100 -10.84 -27.16 -31.36
C PHE G 100 -11.06 -27.25 -32.86
N ASP G 101 -12.28 -27.57 -33.26
CA ASP G 101 -12.64 -27.62 -34.67
C ASP G 101 -13.46 -26.39 -35.06
N TYR G 102 -12.91 -25.58 -35.95
CA TYR G 102 -13.61 -24.40 -36.45
C TYR G 102 -14.47 -24.78 -37.64
N ILE G 103 -15.77 -24.93 -37.40
CA ILE G 103 -16.70 -25.39 -38.42
C ILE G 103 -17.60 -24.26 -38.92
N LYS G 104 -17.44 -23.90 -40.19
CA LYS G 104 -18.31 -22.90 -40.80
C LYS G 104 -19.66 -23.51 -41.18
N LEU G 105 -20.73 -22.84 -40.79
CA LEU G 105 -22.08 -23.33 -41.11
C LEU G 105 -22.63 -22.65 -42.35
N GLY G 106 -22.88 -23.44 -43.39
CA GLY G 106 -23.34 -22.92 -44.67
C GLY G 106 -24.83 -22.60 -44.68
N ASP G 107 -25.27 -21.87 -45.70
CA ASP G 107 -26.68 -21.51 -45.85
C ASP G 107 -27.49 -22.61 -46.50
N ASP G 108 -26.87 -23.78 -46.66
CA ASP G 108 -27.54 -24.94 -47.23
C ASP G 108 -27.74 -26.00 -46.16
N GLY G 109 -27.19 -25.75 -44.98
CA GLY G 109 -27.22 -26.71 -43.89
C GLY G 109 -26.00 -27.60 -43.89
N GLY G 110 -25.09 -27.31 -44.82
CA GLY G 110 -23.85 -28.06 -44.93
C GLY G 110 -22.72 -27.36 -44.20
N GLU G 111 -21.95 -28.14 -43.44
CA GLU G 111 -20.88 -27.59 -42.62
C GLU G 111 -19.50 -28.10 -43.05
N THR G 112 -18.50 -27.21 -42.95
CA THR G 112 -17.14 -27.53 -43.39
C THR G 112 -16.08 -27.03 -42.42
N LEU G 113 -14.92 -27.67 -42.44
CA LEU G 113 -13.82 -27.32 -41.55
C LEU G 113 -12.91 -26.25 -42.16
N VAL G 114 -12.75 -25.13 -41.45
CA VAL G 114 -11.94 -24.03 -41.95
C VAL G 114 -10.66 -23.81 -41.14
N ALA G 115 -10.66 -24.31 -39.91
CA ALA G 115 -9.50 -24.19 -39.03
C ALA G 115 -9.54 -25.20 -37.89
N ARG G 116 -8.37 -25.47 -37.31
CA ARG G 116 -8.28 -26.40 -36.18
C ARG G 116 -7.14 -26.02 -35.25
N GLY G 117 -7.45 -25.89 -33.96
CA GLY G 117 -6.48 -25.47 -32.98
C GLY G 117 -6.33 -26.42 -31.80
N ARG G 118 -5.17 -26.38 -31.17
CA ARG G 118 -4.91 -27.20 -29.99
C ARG G 118 -4.42 -26.34 -28.83
N GLN G 119 -4.66 -26.81 -27.60
CA GLN G 119 -4.22 -26.09 -26.42
C GLN G 119 -3.87 -27.05 -25.29
N ARG G 120 -2.60 -27.07 -24.90
CA ARG G 120 -2.16 -27.94 -23.82
C ARG G 120 -2.10 -27.18 -22.48
N ILE G 121 -2.78 -27.72 -21.47
CA ILE G 121 -2.85 -27.08 -20.17
C ILE G 121 -2.23 -27.95 -19.08
N ALA G 122 -1.39 -27.34 -18.24
CA ALA G 122 -0.79 -28.04 -17.11
C ALA G 122 -1.38 -27.54 -15.79
N CYS G 123 -1.97 -28.45 -15.04
CA CYS G 123 -2.56 -28.10 -13.75
C CYS G 123 -1.50 -27.78 -12.70
N ARG G 125 -0.67 -25.90 -8.78
CA ARG G 125 -1.28 -25.56 -7.51
C ARG G 125 -0.29 -24.82 -6.60
N GLY G 126 -0.81 -23.93 -5.77
CA GLY G 126 0.01 -23.17 -4.85
C GLY G 126 -0.02 -21.68 -5.16
N PRO G 127 0.64 -20.87 -4.31
CA PRO G 127 0.74 -19.42 -4.50
C PRO G 127 1.38 -19.07 -5.83
N ASN G 128 1.19 -17.83 -6.27
CA ASN G 128 1.71 -17.36 -7.56
C ASN G 128 3.24 -17.48 -7.66
N THR G 129 3.91 -17.29 -6.54
CA THR G 129 5.37 -17.35 -6.50
C THR G 129 5.86 -18.79 -6.66
N ALA G 130 5.58 -19.61 -5.65
CA ALA G 130 5.99 -21.01 -5.67
C ALA G 130 4.84 -21.92 -6.11
N THR G 131 4.86 -22.31 -7.37
CA THR G 131 3.82 -23.17 -7.93
C THR G 131 4.31 -24.59 -8.19
N VAL G 132 3.48 -25.58 -7.85
CA VAL G 132 3.83 -26.98 -8.03
C VAL G 132 2.77 -27.73 -8.83
N PRO G 133 3.19 -28.73 -9.62
CA PRO G 133 2.24 -29.50 -10.43
C PRO G 133 1.28 -30.33 -9.58
N THR G 134 0.03 -30.42 -10.01
CA THR G 134 -0.98 -31.17 -9.28
C THR G 134 -1.80 -32.04 -10.23
N LEU G 135 -2.48 -33.04 -9.69
CA LEU G 135 -3.31 -33.92 -10.49
C LEU G 135 -4.51 -33.16 -11.05
N ILE G 136 -5.07 -33.67 -12.14
CA ILE G 136 -6.26 -33.08 -12.73
C ILE G 136 -7.42 -33.16 -11.74
N PRO G 137 -8.00 -32.00 -11.40
CA PRO G 137 -9.16 -31.94 -10.51
C PRO G 137 -10.27 -32.87 -10.97
N GLU G 138 -10.80 -33.66 -10.04
CA GLU G 138 -11.77 -34.71 -10.37
C GLU G 138 -13.01 -34.20 -11.10
N ALA G 139 -13.45 -33.01 -10.75
CA ALA G 139 -14.63 -32.40 -11.39
C ALA G 139 -14.36 -32.15 -12.87
N LEU G 140 -13.15 -31.70 -13.17
CA LEU G 140 -12.75 -31.42 -14.54
C LEU G 140 -12.64 -32.71 -15.36
N ALA G 141 -12.10 -33.75 -14.73
CA ALA G 141 -11.88 -35.03 -15.40
C ALA G 141 -13.20 -35.70 -15.81
N GLU G 142 -14.18 -35.67 -14.91
CA GLU G 142 -15.46 -36.31 -15.16
C GLU G 142 -16.28 -35.54 -16.18
N ALA G 143 -15.99 -34.25 -16.32
CA ALA G 143 -16.68 -33.40 -17.27
C ALA G 143 -16.13 -33.57 -18.68
N LEU G 144 -14.89 -34.02 -18.76
CA LEU G 144 -14.22 -34.23 -20.05
C LEU G 144 -14.54 -35.59 -20.65
N ALA G 145 -15.15 -36.45 -19.85
CA ALA G 145 -15.50 -37.82 -20.28
C ALA G 145 -16.34 -37.92 -21.55
N PRO G 146 -17.43 -37.13 -21.67
CA PRO G 146 -18.25 -37.31 -22.88
C PRO G 146 -17.61 -36.74 -24.15
N TYR G 147 -16.46 -36.07 -24.02
CA TYR G 147 -15.84 -35.42 -25.16
C TYR G 147 -14.41 -35.88 -25.38
N SER G 148 -14.17 -37.17 -25.18
CA SER G 148 -12.81 -37.71 -25.32
C SER G 148 -12.80 -39.05 -26.05
N ASP G 149 -12.16 -39.07 -27.22
CA ASP G 149 -12.01 -40.30 -27.99
C ASP G 149 -10.82 -40.22 -28.93
N ASN H 8 26.03 -6.85 -34.52
CA ASN H 8 24.80 -6.83 -35.30
C ASN H 8 24.11 -8.18 -35.27
N PRO H 9 22.89 -8.23 -34.68
CA PRO H 9 22.14 -9.47 -34.47
C PRO H 9 21.74 -10.18 -35.76
N ASP H 10 21.56 -11.50 -35.68
CA ASP H 10 21.12 -12.30 -36.82
C ASP H 10 19.63 -12.58 -36.72
N TYR H 11 18.93 -11.76 -35.94
CA TYR H 11 17.49 -11.88 -35.77
C TYR H 11 16.86 -10.51 -35.89
N PHE H 12 15.53 -10.48 -36.05
CA PHE H 12 14.82 -9.20 -36.02
C PHE H 12 14.24 -8.98 -34.63
N GLU H 13 14.56 -7.83 -34.03
CA GLU H 13 14.23 -7.58 -32.64
C GLU H 13 13.08 -6.60 -32.46
N LEU H 14 12.13 -6.98 -31.62
CA LEU H 14 11.06 -6.06 -31.20
C LEU H 14 11.12 -5.85 -29.70
N ARG H 15 11.35 -4.62 -29.28
CA ARG H 15 11.38 -4.28 -27.86
C ARG H 15 9.97 -4.04 -27.32
N HIS H 16 9.53 -4.92 -26.41
CA HIS H 16 8.22 -4.78 -25.80
C HIS H 16 8.28 -4.91 -24.29
N THR H 17 7.66 -3.97 -23.59
CA THR H 17 7.56 -4.02 -22.15
C THR H 17 6.15 -4.47 -21.77
N VAL H 18 6.07 -5.52 -20.95
CA VAL H 18 4.80 -6.09 -20.55
C VAL H 18 3.93 -5.06 -19.83
N GLY H 19 2.73 -4.82 -20.36
CA GLY H 19 1.84 -3.83 -19.81
C GLY H 19 1.15 -4.28 -18.55
N PHE H 20 0.66 -3.31 -17.78
CA PHE H 20 -0.05 -3.57 -16.54
C PHE H 20 -1.39 -4.24 -16.83
N GLU H 21 -1.93 -3.96 -18.01
CA GLU H 21 -3.23 -4.48 -18.41
C GLU H 21 -3.11 -5.74 -19.27
N GLU H 22 -1.87 -6.11 -19.59
CA GLU H 22 -1.63 -7.30 -20.39
C GLU H 22 -1.47 -8.53 -19.51
N THR H 23 -1.54 -8.32 -18.20
CA THR H 23 -1.43 -9.42 -17.24
C THR H 23 -2.79 -9.73 -16.62
N ASN H 24 -3.05 -11.00 -16.35
CA ASN H 24 -4.32 -11.41 -15.79
C ASN H 24 -4.41 -11.27 -14.27
N LEU H 25 -5.41 -11.91 -13.68
CA LEU H 25 -5.67 -11.82 -12.24
C LEU H 25 -4.51 -12.34 -11.39
N VAL H 26 -3.97 -13.49 -11.76
CA VAL H 26 -2.96 -14.16 -10.94
C VAL H 26 -1.54 -13.61 -11.12
N GLY H 27 -1.34 -12.75 -12.12
CA GLY H 27 -0.07 -12.09 -12.30
C GLY H 27 0.59 -12.25 -13.66
N ASN H 28 0.46 -13.43 -14.25
CA ASN H 28 1.09 -13.70 -15.54
C ASN H 28 0.29 -13.17 -16.73
N VAL H 29 0.76 -13.47 -17.93
CA VAL H 29 0.20 -12.90 -19.14
C VAL H 29 -0.68 -13.88 -19.93
N TYR H 30 -1.85 -13.40 -20.35
CA TYR H 30 -2.75 -14.14 -21.23
C TYR H 30 -1.97 -14.60 -22.46
N TYR H 31 -2.09 -15.88 -22.80
CA TYR H 31 -1.32 -16.46 -23.89
C TYR H 31 -1.60 -15.79 -25.23
N VAL H 32 -2.80 -15.22 -25.37
CA VAL H 32 -3.18 -14.51 -26.59
C VAL H 32 -2.28 -13.30 -26.85
N ASN H 33 -1.91 -12.60 -25.78
CA ASN H 33 -1.06 -11.41 -25.89
C ASN H 33 0.30 -11.69 -26.52
N TYR H 34 0.81 -12.91 -26.32
CA TYR H 34 2.07 -13.32 -26.92
C TYR H 34 1.99 -13.26 -28.45
N LEU H 35 0.89 -13.78 -28.99
CA LEU H 35 0.70 -13.85 -30.43
C LEU H 35 0.40 -12.47 -31.03
N ARG H 36 -0.16 -11.60 -30.21
CA ARG H 36 -0.40 -10.21 -30.62
C ARG H 36 0.93 -9.52 -30.84
N TRP H 37 1.88 -9.77 -29.94
CA TRP H 37 3.21 -9.20 -30.06
C TRP H 37 3.95 -9.83 -31.24
N GLN H 38 3.66 -11.10 -31.48
CA GLN H 38 4.28 -11.86 -32.57
C GLN H 38 3.91 -11.26 -33.92
N GLY H 39 2.64 -10.91 -34.09
CA GLY H 39 2.19 -10.26 -35.30
C GLY H 39 2.60 -8.81 -35.32
N ARG H 40 2.78 -8.23 -34.15
CA ARG H 40 3.22 -6.85 -34.02
C ARG H 40 4.69 -6.75 -34.44
N CYS H 41 5.43 -7.84 -34.25
CA CYS H 41 6.83 -7.91 -34.65
C CYS H 41 6.95 -8.16 -36.15
N ARG H 42 6.05 -9.00 -36.67
CA ARG H 42 6.05 -9.33 -38.09
C ARG H 42 5.73 -8.11 -38.95
N GLU H 43 4.71 -7.37 -38.54
CA GLU H 43 4.30 -6.18 -39.28
C GLU H 43 5.35 -5.08 -39.14
N LEU H 44 6.06 -5.09 -38.03
CA LEU H 44 7.15 -4.14 -37.79
C LEU H 44 8.28 -4.39 -38.78
N PHE H 45 8.60 -5.67 -38.99
CA PHE H 45 9.65 -6.06 -39.92
C PHE H 45 9.36 -5.61 -41.34
N LEU H 46 8.10 -5.74 -41.74
CA LEU H 46 7.68 -5.37 -43.09
C LEU H 46 7.74 -3.85 -43.29
N LYS H 47 7.24 -3.10 -42.32
CA LYS H 47 7.20 -1.65 -42.41
C LYS H 47 8.60 -1.04 -42.48
N GLU H 48 9.59 -1.75 -41.94
CA GLU H 48 10.96 -1.25 -41.86
C GLU H 48 11.88 -1.80 -42.96
N ARG H 49 11.66 -3.05 -43.35
CA ARG H 49 12.56 -3.74 -44.27
C ARG H 49 11.98 -3.98 -45.65
N ALA H 50 10.67 -4.17 -45.73
CA ALA H 50 10.01 -4.40 -47.02
C ALA H 50 8.70 -3.62 -47.14
N PRO H 51 8.78 -2.29 -47.26
CA PRO H 51 7.60 -1.41 -47.25
C PRO H 51 6.67 -1.66 -48.44
N SER H 52 7.22 -2.04 -49.58
CA SER H 52 6.42 -2.24 -50.79
C SER H 52 5.50 -3.45 -50.66
N VAL H 53 5.90 -4.40 -49.81
CA VAL H 53 5.08 -5.57 -49.55
C VAL H 53 3.75 -5.18 -48.93
N LEU H 54 3.80 -4.23 -48.00
CA LEU H 54 2.59 -3.70 -47.38
C LEU H 54 1.74 -2.92 -48.36
N ALA H 55 2.37 -2.38 -49.39
CA ALA H 55 1.65 -1.66 -50.42
C ALA H 55 0.89 -2.62 -51.34
N GLU H 56 1.50 -3.77 -51.61
CA GLU H 56 0.86 -4.80 -52.43
C GLU H 56 -0.29 -5.46 -51.68
N VAL H 57 -0.15 -5.56 -50.37
CA VAL H 57 -1.18 -6.15 -49.50
C VAL H 57 -2.50 -5.39 -49.63
N GLN H 58 -2.41 -4.09 -49.86
CA GLN H 58 -3.56 -3.23 -50.08
C GLN H 58 -4.36 -3.70 -51.31
N GLU H 59 -3.64 -4.20 -52.30
CA GLU H 59 -4.23 -4.55 -53.60
C GLU H 59 -4.51 -6.04 -53.79
N ASP H 60 -3.53 -6.77 -54.30
CA ASP H 60 -3.74 -8.16 -54.70
C ASP H 60 -2.98 -9.21 -53.88
N LEU H 61 -1.88 -8.81 -53.26
CA LEU H 61 -1.06 -9.75 -52.48
C LEU H 61 -1.73 -10.13 -51.17
N LYS H 62 -1.60 -11.40 -50.79
CA LYS H 62 -2.16 -11.88 -49.53
C LYS H 62 -1.17 -12.75 -48.77
N LEU H 63 -0.93 -12.39 -47.51
CA LEU H 63 -0.07 -13.18 -46.64
C LEU H 63 -0.92 -14.09 -45.75
N PHE H 64 -1.45 -15.15 -46.35
CA PHE H 64 -2.29 -16.11 -45.65
C PHE H 64 -1.50 -16.84 -44.57
N THR H 65 -2.05 -16.87 -43.36
CA THR H 65 -1.41 -17.58 -42.25
C THR H 65 -1.81 -19.05 -42.25
N LEU H 66 -0.87 -19.92 -42.61
CA LEU H 66 -1.13 -21.36 -42.63
C LEU H 66 -1.27 -21.91 -41.22
N LYS H 67 -0.29 -21.59 -40.37
CA LYS H 67 -0.31 -22.05 -38.99
C LYS H 67 0.43 -21.06 -38.09
N VAL H 68 0.02 -21.01 -36.83
CA VAL H 68 0.70 -20.19 -35.83
C VAL H 68 0.67 -20.92 -34.49
N ASP H 69 1.79 -20.87 -33.77
CA ASP H 69 1.86 -21.53 -32.46
C ASP H 69 2.75 -20.78 -31.48
N CYS H 70 2.81 -21.26 -30.24
CA CYS H 70 3.68 -20.68 -29.24
C CYS H 70 3.86 -21.64 -28.06
N GLU H 71 5.11 -21.92 -27.72
CA GLU H 71 5.44 -22.76 -26.57
C GLU H 71 5.74 -21.90 -25.36
N PHE H 72 5.15 -22.22 -24.23
CA PHE H 72 5.35 -21.43 -23.02
C PHE H 72 6.14 -22.17 -21.95
N PHE H 73 7.23 -21.56 -21.49
CA PHE H 73 8.12 -22.19 -20.52
C PHE H 73 8.10 -21.47 -19.18
N ALA H 74 8.38 -20.16 -19.21
CA ALA H 74 8.44 -19.37 -17.99
C ALA H 74 7.30 -18.36 -17.90
N GLU H 75 6.94 -17.97 -16.67
CA GLU H 75 5.89 -16.99 -16.45
C GLU H 75 6.48 -15.60 -16.36
N ILE H 76 5.87 -14.64 -17.06
CA ILE H 76 6.28 -13.25 -16.96
C ILE H 76 5.22 -12.46 -16.21
N THR H 77 5.59 -11.27 -15.74
CA THR H 77 4.68 -10.40 -15.02
C THR H 77 4.75 -9.01 -15.65
N ALA H 78 3.87 -8.11 -15.22
CA ALA H 78 3.85 -6.76 -15.76
C ALA H 78 5.20 -6.08 -15.57
N PHE H 79 5.53 -5.18 -16.48
CA PHE H 79 6.76 -4.39 -16.45
C PHE H 79 8.03 -5.22 -16.70
N ASP H 80 7.84 -6.46 -17.19
CA ASP H 80 8.98 -7.26 -17.61
C ASP H 80 9.44 -6.81 -19.00
N GLU H 81 10.75 -6.84 -19.22
CA GLU H 81 11.30 -6.44 -20.51
C GLU H 81 11.56 -7.63 -21.40
N LEU H 82 10.86 -7.69 -22.52
CA LEU H 82 10.98 -8.80 -23.46
C LEU H 82 11.68 -8.37 -24.75
N SER H 83 12.61 -9.20 -25.20
CA SER H 83 13.28 -8.98 -26.48
C SER H 83 12.87 -10.06 -27.46
N ILE H 84 11.81 -9.78 -28.22
CA ILE H 84 11.30 -10.75 -29.19
C ILE H 84 12.19 -10.82 -30.42
N ARG H 85 12.71 -12.01 -30.69
CA ARG H 85 13.66 -12.19 -31.78
C ARG H 85 13.10 -13.10 -32.86
N ARG H 87 13.56 -15.03 -36.43
CA ARG H 87 14.45 -15.57 -37.46
C ARG H 87 13.64 -16.24 -38.56
N LEU H 88 14.27 -16.46 -39.71
CA LEU H 88 13.62 -17.17 -40.81
C LEU H 88 13.85 -18.67 -40.66
N SER H 89 12.80 -19.39 -40.28
CA SER H 89 12.89 -20.82 -40.05
C SER H 89 13.03 -21.60 -41.35
N GLU H 90 12.17 -21.28 -42.32
CA GLU H 90 12.11 -22.03 -43.56
C GLU H 90 11.65 -21.15 -44.71
N LEU H 91 12.36 -21.20 -45.83
CA LEU H 91 12.01 -20.42 -47.01
C LEU H 91 11.76 -21.32 -48.21
N ARG H 92 10.50 -21.44 -48.61
CA ARG H 92 10.12 -22.29 -49.74
C ARG H 92 9.92 -21.47 -51.02
N GLN H 93 9.38 -22.12 -52.04
CA GLN H 93 9.19 -21.48 -53.34
C GLN H 93 8.01 -20.50 -53.31
N THR H 94 6.94 -20.87 -52.61
CA THR H 94 5.74 -20.05 -52.56
C THR H 94 5.38 -19.63 -51.13
N GLN H 95 5.94 -20.31 -50.14
CA GLN H 95 5.62 -20.02 -48.75
C GLN H 95 6.86 -19.98 -47.85
N LEU H 96 6.63 -19.75 -46.56
CA LEU H 96 7.72 -19.54 -45.61
C LEU H 96 7.20 -19.50 -44.18
N GLU H 97 8.11 -19.55 -43.21
CA GLU H 97 7.74 -19.42 -41.81
C GLU H 97 8.81 -18.77 -40.94
N PHE H 98 8.37 -18.06 -39.91
CA PHE H 98 9.30 -17.39 -39.00
C PHE H 98 9.28 -18.05 -37.62
N THR H 99 10.43 -18.05 -36.97
CA THR H 99 10.52 -18.52 -35.59
C THR H 99 10.75 -17.34 -34.66
N PHE H 100 9.92 -17.25 -33.62
CA PHE H 100 9.99 -16.13 -32.68
C PHE H 100 10.53 -16.59 -31.33
N ASP H 101 11.57 -15.92 -30.85
CA ASP H 101 12.12 -16.20 -29.53
C ASP H 101 11.81 -15.08 -28.55
N TYR H 102 10.98 -15.37 -27.56
CA TYR H 102 10.60 -14.39 -26.56
C TYR H 102 11.61 -14.39 -25.42
N ILE H 103 12.53 -13.43 -25.48
CA ILE H 103 13.63 -13.36 -24.51
C ILE H 103 13.38 -12.33 -23.43
N LYS H 104 13.37 -12.78 -22.17
CA LYS H 104 13.21 -11.86 -21.03
C LYS H 104 14.56 -11.25 -20.68
N LEU H 105 14.68 -9.94 -20.89
CA LEU H 105 15.91 -9.23 -20.57
C LEU H 105 16.02 -8.95 -19.09
N GLY H 106 16.91 -9.68 -18.41
CA GLY H 106 17.14 -9.48 -17.00
C GLY H 106 17.78 -8.13 -16.70
N ASP H 107 17.59 -7.64 -15.49
CA ASP H 107 18.12 -6.35 -15.08
C ASP H 107 19.64 -6.37 -15.06
N ASP H 108 20.19 -7.42 -14.47
CA ASP H 108 21.65 -7.58 -14.37
C ASP H 108 22.29 -7.80 -15.73
N GLY H 109 21.51 -8.36 -16.66
CA GLY H 109 22.01 -8.65 -17.99
C GLY H 109 21.66 -10.06 -18.43
N GLY H 110 20.92 -10.77 -17.57
CA GLY H 110 20.51 -12.12 -17.86
C GLY H 110 19.47 -12.17 -18.97
N GLU H 111 19.41 -13.31 -19.65
CA GLU H 111 18.43 -13.49 -20.74
C GLU H 111 17.79 -14.86 -20.67
N THR H 112 16.50 -14.89 -20.35
CA THR H 112 15.77 -16.14 -20.21
C THR H 112 14.85 -16.36 -21.42
N LEU H 113 14.76 -17.61 -21.87
CA LEU H 113 13.85 -17.96 -22.96
C LEU H 113 12.46 -18.25 -22.41
N VAL H 114 11.62 -17.22 -22.38
CA VAL H 114 10.26 -17.35 -21.86
C VAL H 114 9.39 -18.20 -22.77
N ALA H 115 9.43 -17.90 -24.07
CA ALA H 115 8.56 -18.58 -25.02
C ALA H 115 9.18 -18.67 -26.42
N ARG H 116 8.68 -19.60 -27.21
CA ARG H 116 9.09 -19.73 -28.61
C ARG H 116 7.88 -20.01 -29.50
N GLY H 117 7.75 -19.28 -30.60
CA GLY H 117 6.61 -19.44 -31.48
C GLY H 117 6.98 -19.45 -32.95
N ARG H 118 6.18 -20.17 -33.73
CA ARG H 118 6.38 -20.25 -35.18
C ARG H 118 5.14 -19.74 -35.90
N GLN H 119 5.30 -19.37 -37.16
CA GLN H 119 4.17 -18.88 -37.97
C GLN H 119 4.40 -19.10 -39.45
N ARG H 120 3.67 -20.05 -40.04
CA ARG H 120 3.77 -20.32 -41.46
C ARG H 120 2.90 -19.36 -42.27
N ILE H 121 3.44 -18.87 -43.37
CA ILE H 121 2.72 -17.91 -44.22
C ILE H 121 2.72 -18.34 -45.68
N ALA H 122 1.54 -18.44 -46.27
CA ALA H 122 1.41 -18.77 -47.69
C ALA H 122 1.15 -17.52 -48.50
N CYS H 123 2.00 -17.27 -49.48
CA CYS H 123 1.85 -16.10 -50.35
C CYS H 123 0.78 -16.33 -51.41
N ARG H 125 -1.97 -14.45 -54.30
CA ARG H 125 -2.11 -13.28 -55.16
C ARG H 125 -3.23 -13.47 -56.19
N GLY H 126 -3.97 -12.39 -56.44
CA GLY H 126 -5.06 -12.41 -57.40
C GLY H 126 -6.09 -11.35 -57.06
N PRO H 127 -7.26 -11.41 -57.71
CA PRO H 127 -8.36 -10.48 -57.41
C PRO H 127 -8.94 -10.65 -56.00
N ASN H 128 -10.19 -10.24 -55.83
CA ASN H 128 -10.86 -10.25 -54.53
C ASN H 128 -10.81 -11.58 -53.79
N THR H 129 -11.43 -12.61 -54.37
CA THR H 129 -11.52 -13.91 -53.71
C THR H 129 -10.77 -15.00 -54.46
N ALA H 130 -10.51 -14.77 -55.75
CA ALA H 130 -9.83 -15.76 -56.58
C ALA H 130 -8.32 -15.63 -56.45
N THR H 131 -7.76 -16.21 -55.39
CA THR H 131 -6.33 -16.14 -55.15
C THR H 131 -5.61 -17.46 -55.44
N VAL H 132 -4.41 -17.37 -56.01
CA VAL H 132 -3.58 -18.53 -56.28
C VAL H 132 -2.18 -18.30 -55.69
N PRO H 133 -1.45 -19.40 -55.38
CA PRO H 133 -0.10 -19.27 -54.85
C PRO H 133 0.80 -18.44 -55.74
N THR H 134 1.72 -17.69 -55.12
CA THR H 134 2.68 -16.87 -55.86
C THR H 134 4.05 -16.99 -55.23
N LEU H 135 5.09 -16.67 -56.00
CA LEU H 135 6.46 -16.73 -55.51
C LEU H 135 6.67 -15.71 -54.39
N ILE H 136 7.65 -15.97 -53.54
CA ILE H 136 8.03 -15.03 -52.48
C ILE H 136 8.42 -13.71 -53.14
N PRO H 137 7.68 -12.64 -52.82
CA PRO H 137 7.84 -11.30 -53.40
C PRO H 137 9.30 -10.85 -53.48
N GLU H 138 9.64 -10.11 -54.53
CA GLU H 138 11.02 -9.69 -54.76
C GLU H 138 11.57 -8.89 -53.58
N ALA H 139 10.81 -7.90 -53.13
CA ALA H 139 11.24 -7.05 -52.02
C ALA H 139 11.30 -7.83 -50.70
N LEU H 140 10.33 -8.71 -50.49
CA LEU H 140 10.29 -9.51 -49.27
C LEU H 140 11.47 -10.48 -49.20
N ALA H 141 11.72 -11.19 -50.30
CA ALA H 141 12.83 -12.13 -50.36
C ALA H 141 14.16 -11.40 -50.28
N GLU H 142 14.19 -10.17 -50.79
CA GLU H 142 15.38 -9.33 -50.72
C GLU H 142 15.65 -8.90 -49.29
N ALA H 143 14.56 -8.62 -48.56
CA ALA H 143 14.67 -8.19 -47.18
C ALA H 143 14.87 -9.38 -46.24
N LEU H 144 14.41 -10.55 -46.65
CA LEU H 144 14.56 -11.74 -45.83
C LEU H 144 15.88 -12.46 -46.08
N ALA H 145 16.69 -11.94 -47.01
CA ALA H 145 17.96 -12.57 -47.36
C ALA H 145 18.92 -12.83 -46.19
N PRO H 146 19.17 -11.82 -45.33
CA PRO H 146 20.21 -12.08 -44.33
C PRO H 146 19.70 -12.60 -42.98
N TYR H 147 18.86 -13.64 -42.97
CA TYR H 147 18.33 -14.16 -41.70
C TYR H 147 18.31 -15.68 -41.64
N SER H 148 18.71 -16.31 -42.74
CA SER H 148 18.82 -17.77 -42.80
C SER H 148 19.68 -18.16 -44.00
#